data_7XEI
#
_entry.id   7XEI
#
_cell.length_a   80.046
_cell.length_b   112.197
_cell.length_c   101.741
_cell.angle_alpha   90.000
_cell.angle_beta   100.900
_cell.angle_gamma   90.000
#
_symmetry.space_group_name_H-M   'P 1 21 1'
#
loop_
_entity.id
_entity.type
_entity.pdbx_description
1 polymer 'Spike protein S1'
2 polymer 'CB6-092-Fab heavy chain'
3 polymer 'CB6-092-Fab light chain'
#
loop_
_entity_poly.entity_id
_entity_poly.type
_entity_poly.pdbx_seq_one_letter_code
_entity_poly.pdbx_strand_id
1 'polypeptide(L)'
;RVQPTESIVRFPNITNLCPFGEVFNATRFASVYAWNRKRISNCVADYSVLYNSASFSTFKCYGVSPTKLNDLCFTNVYAD
SFVIRGDEVRQIAPGQTGKIADYNYKLPDDFTGCVIAWNSNNLDSKVGGNYNYLYRLFRKSNLKPFERDISTEIYQAGST
PCNGVEGFNCYFPLQSYGFQPTNGVGYQPYRVVVLSFELLHAPATVCGPKKSTNLVKNKHHHHHHHH
;
A,B
2 'polypeptide(L)'
;EVQLVESGGGLVQPGGSLRLSCAASGFTVGWNYMSWVRQAPGKGLEWVSVIYPGGTTFYADSVKGRFTISRDNSMNTLFL
QMNSLRAEDTAVYYCARVLPMYGDYLDYWGQGTLVTVSSASTKGPSVFPLAPSSKSTSGGTAALGCLVKDYFPEPVTVSW
NSGALTSGVHTFPAVLQSSGLYSLSSVVTVPSSSLGTQTYICNVNHKPSNTKVDKRVEPKSCDKTHTHHHHHH
;
C,E
3 'polypeptide(L)'
;DIVMTQSPSSLSASVGDRVTITCRASQNIERYLNWYQQKPGKAPKLLIYAASSLQSGVPSRFSGSGSGTDFTLTISSLQP
EDFATYYCQQSASSTPEYTFGQGTKLEIKRTVAAPSVFIFPPSDEQLKSGTASVVCLLNNFYPREAKVQWKVDNALQSGN
SQESVTEQDSKDSTYSLSSTLTLSKADYEKHKVYACEVTHQGLSSPVTKSFNRGEC
;
D,F
#
# COMPACT_ATOMS: atom_id res chain seq x y z
N THR A 15 -2.26 -54.65 -9.40
CA THR A 15 -1.93 -55.21 -8.08
C THR A 15 -1.29 -54.20 -7.13
N ASN A 16 -0.45 -53.30 -7.65
CA ASN A 16 0.21 -52.34 -6.76
C ASN A 16 -0.76 -51.20 -6.47
N LEU A 17 -1.04 -50.98 -5.18
CA LEU A 17 -1.93 -49.92 -4.73
C LEU A 17 -1.12 -48.78 -4.14
N CYS A 18 -1.74 -47.59 -4.07
CA CYS A 18 -0.73 -46.61 -3.73
C CYS A 18 -0.68 -46.44 -2.21
N PRO A 19 0.44 -45.98 -1.66
CA PRO A 19 0.58 -46.07 -0.18
C PRO A 19 -0.02 -44.87 0.52
N PHE A 20 -1.35 -44.74 0.42
CA PHE A 20 -2.03 -43.66 1.12
C PHE A 20 -2.12 -43.90 2.62
N GLY A 21 -2.05 -45.16 3.06
CA GLY A 21 -2.00 -45.43 4.49
C GLY A 21 -0.72 -44.94 5.13
N GLU A 22 0.41 -45.07 4.42
CA GLU A 22 1.68 -44.60 4.94
C GLU A 22 1.62 -43.12 5.29
N VAL A 23 0.96 -42.31 4.48
CA VAL A 23 0.85 -40.88 4.75
C VAL A 23 -0.28 -40.58 5.73
N PHE A 24 -1.49 -41.11 5.50
CA PHE A 24 -2.63 -40.73 6.34
C PHE A 24 -2.55 -41.37 7.71
N ASN A 25 -2.22 -42.66 7.79
CA ASN A 25 -2.19 -43.38 9.04
C ASN A 25 -0.82 -43.36 9.72
N ALA A 26 0.06 -42.45 9.30
CA ALA A 26 1.40 -42.39 9.88
C ALA A 26 1.32 -42.04 11.36
N THR A 27 2.18 -42.69 12.15
CA THR A 27 2.20 -42.43 13.59
C THR A 27 2.54 -40.97 13.85
N ARG A 28 3.40 -40.39 12.99
CA ARG A 28 3.71 -38.97 13.01
C ARG A 28 3.44 -38.19 11.76
N PHE A 29 3.21 -36.94 12.03
CA PHE A 29 3.27 -35.90 11.03
C PHE A 29 4.46 -34.97 11.33
N ALA A 30 4.90 -34.30 10.28
CA ALA A 30 5.96 -33.32 10.42
C ALA A 30 5.39 -32.01 10.96
N SER A 31 6.28 -31.19 11.51
CA SER A 31 5.91 -29.81 11.79
C SER A 31 5.69 -29.08 10.47
N VAL A 32 4.82 -28.06 10.50
CA VAL A 32 4.41 -27.43 9.25
C VAL A 32 5.59 -26.76 8.54
N TYR A 33 6.54 -26.21 9.30
CA TYR A 33 7.69 -25.58 8.65
C TYR A 33 8.56 -26.62 7.95
N ALA A 34 8.60 -27.83 8.48
CA ALA A 34 9.34 -28.94 7.89
C ALA A 34 8.38 -29.96 7.28
N TRP A 35 7.38 -29.46 6.55
CA TRP A 35 6.31 -30.31 6.05
C TRP A 35 6.85 -31.43 5.18
N ASN A 36 6.28 -32.61 5.34
CA ASN A 36 6.83 -33.78 4.67
C ASN A 36 6.12 -33.97 3.33
N ARG A 37 6.87 -34.46 2.35
CA ARG A 37 6.33 -34.67 1.00
C ARG A 37 6.70 -36.07 0.54
N LYS A 38 5.68 -36.85 0.18
CA LYS A 38 5.89 -38.17 -0.39
C LYS A 38 5.49 -38.12 -1.87
N ARG A 39 6.39 -38.53 -2.73
CA ARG A 39 6.09 -38.63 -4.16
C ARG A 39 5.39 -39.95 -4.42
N ILE A 40 4.38 -39.92 -5.29
CA ILE A 40 3.53 -41.07 -5.55
C ILE A 40 3.54 -41.31 -7.05
N SER A 41 4.12 -42.44 -7.44
CA SER A 41 4.55 -42.79 -8.79
C SER A 41 4.21 -44.25 -9.03
N ASN A 42 3.65 -44.53 -10.22
CA ASN A 42 3.62 -45.89 -10.77
C ASN A 42 2.82 -46.86 -9.88
N CYS A 43 1.59 -46.46 -9.57
CA CYS A 43 0.67 -47.32 -8.83
C CYS A 43 -0.75 -46.92 -9.17
N VAL A 44 -1.70 -47.75 -8.73
CA VAL A 44 -3.11 -47.43 -8.87
C VAL A 44 -3.62 -46.88 -7.55
N ALA A 45 -4.07 -45.63 -7.57
CA ALA A 45 -4.61 -44.97 -6.39
C ALA A 45 -6.13 -44.91 -6.53
N ASP A 46 -6.83 -45.55 -5.61
CA ASP A 46 -8.26 -45.34 -5.48
C ASP A 46 -8.49 -44.33 -4.36
N TYR A 47 -9.23 -43.29 -4.68
CA TYR A 47 -9.52 -42.22 -3.70
C TYR A 47 -10.85 -42.50 -3.01
N SER A 48 -11.32 -43.72 -3.20
CA SER A 48 -12.59 -44.29 -2.69
C SER A 48 -12.62 -44.29 -1.17
N VAL A 49 -11.54 -44.78 -0.60
CA VAL A 49 -11.45 -44.85 0.87
C VAL A 49 -11.56 -43.44 1.43
N LEU A 50 -10.80 -42.51 0.86
CA LEU A 50 -10.70 -41.14 1.34
C LEU A 50 -11.96 -40.35 1.02
N TYR A 51 -12.45 -40.46 -0.22
CA TYR A 51 -13.56 -39.64 -0.67
C TYR A 51 -14.74 -39.75 0.30
N ASN A 52 -15.14 -40.98 0.62
CA ASN A 52 -16.19 -41.30 1.58
C ASN A 52 -15.54 -41.80 2.87
N SER A 53 -15.25 -40.90 3.80
CA SER A 53 -14.72 -41.37 5.09
C SER A 53 -15.18 -40.47 6.23
N ALA A 54 -15.57 -41.13 7.34
CA ALA A 54 -16.11 -40.48 8.53
C ALA A 54 -15.09 -39.81 9.43
N SER A 55 -13.82 -39.91 9.10
CA SER A 55 -12.78 -39.37 9.97
C SER A 55 -12.46 -37.89 9.71
N PHE A 56 -12.61 -37.42 8.47
CA PHE A 56 -12.12 -36.10 8.09
C PHE A 56 -13.13 -34.99 8.38
N SER A 57 -12.62 -33.82 8.72
CA SER A 57 -13.46 -32.64 8.92
C SER A 57 -13.17 -31.54 7.93
N THR A 58 -12.31 -31.79 6.94
CA THR A 58 -12.14 -30.88 5.82
C THR A 58 -11.70 -31.71 4.63
N PHE A 59 -12.32 -31.46 3.48
CA PHE A 59 -11.98 -32.16 2.24
C PHE A 59 -12.35 -31.28 1.06
N LYS A 60 -11.53 -30.28 0.77
CA LYS A 60 -11.82 -29.33 -0.31
C LYS A 60 -10.90 -29.58 -1.49
N CYS A 61 -11.46 -29.64 -2.69
CA CYS A 61 -10.69 -29.94 -3.89
C CYS A 61 -10.81 -28.79 -4.89
N TYR A 62 -9.67 -28.41 -5.45
CA TYR A 62 -9.54 -27.26 -6.33
C TYR A 62 -9.08 -27.75 -7.70
N GLY A 63 -9.71 -27.24 -8.75
CA GLY A 63 -9.42 -27.72 -10.08
C GLY A 63 -10.20 -28.98 -10.40
N VAL A 64 -9.82 -30.07 -9.75
CA VAL A 64 -10.48 -31.36 -9.88
C VAL A 64 -11.71 -31.38 -8.98
N SER A 65 -12.73 -32.12 -9.40
CA SER A 65 -13.83 -32.36 -8.49
C SER A 65 -13.61 -33.69 -7.76
N PRO A 66 -13.95 -33.76 -6.48
CA PRO A 66 -13.65 -34.98 -5.71
C PRO A 66 -14.45 -36.18 -6.15
N THR A 67 -15.61 -35.96 -6.78
CA THR A 67 -16.33 -37.05 -7.45
C THR A 67 -15.43 -37.76 -8.45
N LYS A 68 -14.92 -37.03 -9.44
CA LYS A 68 -14.20 -37.62 -10.56
C LYS A 68 -12.86 -38.20 -10.16
N LEU A 69 -12.42 -37.94 -8.91
CA LEU A 69 -11.08 -38.30 -8.47
C LEU A 69 -10.70 -39.72 -8.85
N ASN A 70 -11.65 -40.64 -8.82
CA ASN A 70 -11.33 -42.03 -9.12
C ASN A 70 -11.53 -42.36 -10.59
N ASP A 71 -11.57 -41.33 -11.46
CA ASP A 71 -11.57 -41.52 -12.90
C ASP A 71 -10.67 -40.54 -13.64
N LEU A 72 -9.86 -39.75 -12.94
CA LEU A 72 -8.94 -38.84 -13.61
C LEU A 72 -7.52 -39.18 -13.16
N CYS A 73 -6.54 -38.67 -13.90
CA CYS A 73 -5.17 -39.12 -13.67
C CYS A 73 -4.13 -38.06 -14.01
N PHE A 74 -2.91 -38.36 -13.54
CA PHE A 74 -1.79 -37.45 -13.41
C PHE A 74 -0.52 -38.29 -13.48
N THR A 75 0.56 -37.66 -13.93
CA THR A 75 1.81 -38.40 -14.08
C THR A 75 2.50 -38.59 -12.74
N ASN A 76 2.22 -37.74 -11.76
CA ASN A 76 2.64 -38.00 -10.39
C ASN A 76 1.67 -37.31 -9.44
N VAL A 77 1.62 -37.81 -8.20
CA VAL A 77 0.88 -37.10 -7.17
C VAL A 77 1.74 -36.98 -5.93
N TYR A 78 1.66 -35.85 -5.25
CA TYR A 78 2.45 -35.60 -4.06
C TYR A 78 1.54 -35.51 -2.85
N ALA A 79 1.90 -36.23 -1.79
CA ALA A 79 1.17 -36.20 -0.53
C ALA A 79 2.00 -35.38 0.45
N ASP A 80 1.51 -34.19 0.79
CA ASP A 80 2.17 -33.32 1.75
C ASP A 80 1.49 -33.48 3.11
N SER A 81 2.28 -33.83 4.12
CA SER A 81 1.79 -34.15 5.45
C SER A 81 2.31 -33.12 6.43
N PHE A 82 1.43 -32.60 7.28
CA PHE A 82 1.89 -31.80 8.42
C PHE A 82 0.77 -31.65 9.46
N VAL A 83 1.06 -30.90 10.53
CA VAL A 83 0.15 -30.67 11.64
C VAL A 83 0.11 -29.17 11.93
N ILE A 84 -1.10 -28.62 12.04
CA ILE A 84 -1.25 -27.24 12.53
C ILE A 84 -2.41 -27.23 13.51
N ARG A 85 -2.89 -26.06 13.92
CA ARG A 85 -4.10 -26.04 14.73
C ARG A 85 -5.30 -25.67 13.87
N GLY A 86 -6.47 -26.19 14.27
CA GLY A 86 -7.66 -26.10 13.45
C GLY A 86 -7.97 -24.72 12.94
N ASP A 87 -7.81 -23.70 13.79
CA ASP A 87 -8.19 -22.36 13.33
C ASP A 87 -7.24 -21.79 12.29
N GLU A 88 -6.20 -22.52 11.89
CA GLU A 88 -5.35 -22.14 10.77
C GLU A 88 -5.49 -23.08 9.57
N VAL A 89 -6.37 -24.08 9.63
CA VAL A 89 -6.52 -24.99 8.51
C VAL A 89 -7.05 -24.25 7.28
N ARG A 90 -7.85 -23.21 7.49
CA ARG A 90 -8.34 -22.44 6.36
C ARG A 90 -7.26 -21.59 5.71
N GLN A 91 -6.05 -21.53 6.30
CA GLN A 91 -4.92 -20.94 5.61
C GLN A 91 -4.30 -21.87 4.58
N ILE A 92 -4.58 -23.17 4.65
CA ILE A 92 -4.10 -24.12 3.66
C ILE A 92 -5.05 -24.09 2.46
N ALA A 93 -4.95 -23.03 1.66
CA ALA A 93 -5.84 -22.83 0.52
C ALA A 93 -5.22 -21.79 -0.39
N PRO A 94 -5.54 -21.80 -1.69
CA PRO A 94 -4.98 -20.80 -2.60
C PRO A 94 -5.38 -19.38 -2.20
N GLY A 95 -4.45 -18.45 -2.41
CA GLY A 95 -4.71 -17.03 -2.23
C GLY A 95 -4.93 -16.57 -0.82
N GLN A 96 -4.65 -17.42 0.17
CA GLN A 96 -4.87 -17.06 1.57
C GLN A 96 -3.57 -16.55 2.18
N THR A 97 -3.70 -15.88 3.32
CA THR A 97 -2.56 -15.29 3.99
C THR A 97 -2.63 -15.58 5.48
N GLY A 98 -1.54 -15.26 6.17
CA GLY A 98 -1.34 -15.66 7.54
C GLY A 98 0.03 -16.28 7.73
N LYS A 99 0.38 -16.51 9.00
CA LYS A 99 1.72 -16.98 9.30
C LYS A 99 2.00 -18.36 8.70
N ILE A 100 1.00 -19.24 8.66
CA ILE A 100 1.20 -20.56 8.06
C ILE A 100 1.34 -20.44 6.55
N ALA A 101 0.39 -19.75 5.90
CA ALA A 101 0.43 -19.60 4.46
C ALA A 101 1.66 -18.82 4.01
N ASP A 102 2.17 -17.92 4.84
CA ASP A 102 3.27 -17.06 4.42
C ASP A 102 4.65 -17.66 4.72
N TYR A 103 4.83 -18.31 5.86
CA TYR A 103 6.16 -18.70 6.30
C TYR A 103 6.31 -20.20 6.57
N ASN A 104 5.29 -21.01 6.27
CA ASN A 104 5.40 -22.44 6.55
C ASN A 104 5.00 -23.29 5.36
N TYR A 105 3.79 -23.10 4.84
CA TYR A 105 3.28 -23.92 3.74
C TYR A 105 2.36 -23.07 2.87
N LYS A 106 2.74 -22.88 1.61
CA LYS A 106 2.01 -22.01 0.71
C LYS A 106 1.43 -22.83 -0.44
N LEU A 107 0.13 -22.70 -0.67
CA LEU A 107 -0.40 -23.32 -1.88
C LEU A 107 -0.45 -22.30 -3.01
N PRO A 108 -0.25 -22.76 -4.25
CA PRO A 108 -0.28 -21.85 -5.40
C PRO A 108 -1.70 -21.40 -5.72
N ASP A 109 -1.79 -20.39 -6.58
CA ASP A 109 -3.10 -19.89 -7.00
C ASP A 109 -3.76 -20.80 -8.02
N ASP A 110 -2.97 -21.48 -8.87
CA ASP A 110 -3.47 -22.46 -9.82
C ASP A 110 -3.52 -23.86 -9.23
N PHE A 111 -3.71 -23.99 -7.93
CA PHE A 111 -3.57 -25.28 -7.26
C PHE A 111 -4.66 -26.24 -7.71
N THR A 112 -4.25 -27.40 -8.23
CA THR A 112 -5.16 -28.49 -8.58
C THR A 112 -4.88 -29.65 -7.65
N GLY A 113 -5.77 -29.88 -6.69
CA GLY A 113 -5.57 -30.95 -5.74
C GLY A 113 -6.56 -30.85 -4.60
N CYS A 114 -6.33 -31.67 -3.58
CA CYS A 114 -7.27 -31.77 -2.47
C CYS A 114 -6.59 -31.54 -1.14
N VAL A 115 -7.19 -30.69 -0.32
CA VAL A 115 -6.75 -30.46 1.06
C VAL A 115 -7.68 -31.24 1.97
N ILE A 116 -7.11 -32.15 2.76
CA ILE A 116 -7.85 -33.01 3.67
C ILE A 116 -7.30 -32.76 5.07
N ALA A 117 -8.18 -32.62 6.04
CA ALA A 117 -7.75 -32.28 7.38
C ALA A 117 -8.69 -32.92 8.39
N TRP A 118 -8.11 -33.37 9.51
CA TRP A 118 -8.92 -33.97 10.57
C TRP A 118 -8.30 -33.68 11.93
N ASN A 119 -9.17 -33.55 12.93
CA ASN A 119 -8.72 -33.30 14.29
C ASN A 119 -7.97 -34.50 14.84
N SER A 120 -6.86 -34.24 15.53
CA SER A 120 -6.03 -35.29 16.11
C SER A 120 -5.67 -34.99 17.57
N ASN A 121 -6.65 -34.60 18.37
CA ASN A 121 -6.37 -34.26 19.77
C ASN A 121 -5.92 -35.47 20.59
N ASN A 122 -6.58 -36.63 20.48
CA ASN A 122 -6.00 -37.82 21.12
C ASN A 122 -4.73 -38.36 20.45
N LEU A 123 -4.19 -37.74 19.40
CA LEU A 123 -2.90 -38.25 18.91
C LEU A 123 -1.73 -37.32 19.19
N ASP A 124 -1.92 -36.00 19.08
CA ASP A 124 -0.78 -35.09 19.13
C ASP A 124 -0.78 -34.12 20.31
N SER A 125 -1.73 -34.22 21.23
CA SER A 125 -1.68 -33.47 22.48
C SER A 125 -1.44 -34.43 23.64
N LYS A 126 -0.90 -33.89 24.72
CA LYS A 126 -0.40 -34.70 25.84
C LYS A 126 -0.33 -33.79 27.06
N VAL A 127 -0.66 -34.35 28.22
CA VAL A 127 -0.89 -33.50 29.39
C VAL A 127 0.41 -32.82 29.78
N GLY A 128 0.31 -31.54 30.09
CA GLY A 128 1.47 -30.67 30.18
C GLY A 128 1.91 -30.08 28.87
N GLY A 129 1.38 -30.56 27.75
CA GLY A 129 1.65 -29.99 26.45
C GLY A 129 2.67 -30.78 25.65
N ASN A 130 2.44 -30.92 24.35
CA ASN A 130 3.44 -31.46 23.44
C ASN A 130 4.01 -30.30 22.63
N TYR A 131 5.30 -30.04 22.82
CA TYR A 131 5.98 -28.92 22.19
C TYR A 131 6.93 -29.38 21.09
N ASN A 132 6.60 -30.52 20.47
CA ASN A 132 7.36 -31.07 19.36
C ASN A 132 6.91 -30.54 18.01
N TYR A 133 5.73 -29.93 17.93
CA TYR A 133 5.20 -29.42 16.67
C TYR A 133 5.46 -27.91 16.63
N LEU A 134 6.30 -27.49 15.68
CA LEU A 134 6.72 -26.10 15.58
C LEU A 134 6.17 -25.47 14.31
N TYR A 135 6.15 -24.14 14.31
CA TYR A 135 5.84 -23.36 13.13
C TYR A 135 6.75 -22.14 13.08
N ARG A 136 7.09 -21.72 11.86
CA ARG A 136 7.92 -20.54 11.68
C ARG A 136 7.07 -19.28 11.80
N LEU A 137 7.49 -18.37 12.67
CA LEU A 137 6.76 -17.12 12.83
C LEU A 137 7.55 -15.90 12.38
N PHE A 138 8.81 -16.08 11.99
CA PHE A 138 9.66 -14.99 11.52
C PHE A 138 10.32 -15.39 10.21
N ARG A 139 10.14 -14.57 9.17
CA ARG A 139 10.81 -14.79 7.90
C ARG A 139 10.86 -13.47 7.15
N LYS A 140 11.94 -13.25 6.42
CA LYS A 140 12.11 -11.97 5.73
C LYS A 140 11.12 -11.80 4.59
N SER A 141 10.75 -12.90 3.93
CA SER A 141 9.87 -12.83 2.77
C SER A 141 8.89 -13.99 2.81
N ASN A 142 7.81 -13.85 2.07
CA ASN A 142 6.81 -14.90 1.98
C ASN A 142 7.35 -16.09 1.20
N LEU A 143 6.85 -17.28 1.55
CA LEU A 143 7.19 -18.49 0.81
C LEU A 143 6.60 -18.49 -0.58
N LYS A 144 7.35 -19.02 -1.54
CA LYS A 144 6.82 -19.36 -2.85
C LYS A 144 5.99 -20.63 -2.72
N PRO A 145 5.08 -20.87 -3.67
CA PRO A 145 4.26 -22.09 -3.59
C PRO A 145 5.12 -23.34 -3.54
N PHE A 146 4.81 -24.21 -2.57
CA PHE A 146 5.49 -25.50 -2.41
C PHE A 146 6.97 -25.34 -2.04
N GLU A 147 7.32 -24.24 -1.38
CA GLU A 147 8.66 -24.04 -0.85
C GLU A 147 8.72 -24.46 0.61
N ARG A 148 9.88 -24.98 1.01
CA ARG A 148 10.09 -25.48 2.37
C ARG A 148 11.35 -24.83 2.95
N ASP A 149 11.21 -24.23 4.12
CA ASP A 149 12.31 -23.55 4.80
C ASP A 149 12.59 -24.25 6.12
N ILE A 150 13.77 -24.86 6.23
CA ILE A 150 14.20 -25.55 7.44
C ILE A 150 15.18 -24.70 8.26
N SER A 151 15.59 -23.54 7.76
CA SER A 151 16.53 -22.67 8.46
C SER A 151 16.09 -22.44 9.90
N THR A 152 17.07 -22.51 10.81
CA THR A 152 16.85 -22.18 12.21
C THR A 152 17.75 -21.05 12.68
N GLU A 153 18.21 -20.20 11.75
CA GLU A 153 19.11 -19.12 12.11
C GLU A 153 18.34 -18.01 12.82
N ILE A 154 18.99 -17.38 13.79
CA ILE A 154 18.32 -16.37 14.60
C ILE A 154 17.87 -15.22 13.71
N TYR A 155 16.61 -14.83 13.86
CA TYR A 155 16.01 -13.80 13.01
C TYR A 155 16.41 -12.43 13.53
N GLN A 156 16.99 -11.61 12.67
CA GLN A 156 17.47 -10.28 13.04
C GLN A 156 16.34 -9.27 12.81
N ALA A 157 15.80 -8.72 13.90
CA ALA A 157 14.75 -7.72 13.82
C ALA A 157 15.24 -6.28 14.00
N GLY A 158 16.48 -6.09 14.47
CA GLY A 158 17.05 -4.78 14.65
C GLY A 158 18.18 -4.50 13.68
N SER A 159 18.89 -3.39 13.96
CA SER A 159 20.00 -2.99 13.10
C SER A 159 21.29 -3.73 13.42
N THR A 160 21.43 -4.18 14.67
CA THR A 160 22.65 -4.88 15.07
C THR A 160 22.51 -6.38 14.81
N PRO A 161 23.53 -7.03 14.25
CA PRO A 161 23.45 -8.47 13.97
C PRO A 161 23.38 -9.29 15.25
N CYS A 162 23.04 -10.57 15.09
CA CYS A 162 22.75 -11.45 16.21
C CYS A 162 23.88 -12.43 16.53
N ASN A 163 24.65 -12.84 15.53
CA ASN A 163 25.79 -13.75 15.73
C ASN A 163 25.36 -15.03 16.44
N GLY A 164 24.15 -15.50 16.14
CA GLY A 164 23.63 -16.72 16.70
C GLY A 164 23.19 -16.66 18.15
N VAL A 165 23.05 -15.46 18.71
CA VAL A 165 22.61 -15.28 20.09
C VAL A 165 21.23 -14.63 20.07
N GLU A 166 20.30 -15.19 20.82
CA GLU A 166 18.98 -14.58 20.91
C GLU A 166 18.96 -13.50 21.99
N GLY A 167 17.97 -12.63 21.88
CA GLY A 167 17.87 -11.46 22.73
C GLY A 167 16.90 -10.47 22.11
N PHE A 168 17.03 -9.21 22.53
CA PHE A 168 16.17 -8.17 21.99
C PHE A 168 16.44 -7.98 20.51
N ASN A 169 15.38 -7.96 19.71
CA ASN A 169 15.43 -7.79 18.26
C ASN A 169 16.26 -8.89 17.58
N CYS A 170 16.44 -10.02 18.27
CA CYS A 170 17.13 -11.18 17.70
C CYS A 170 16.40 -12.41 18.22
N TYR A 171 15.53 -12.99 17.40
CA TYR A 171 14.56 -13.96 17.86
C TYR A 171 14.73 -15.28 17.13
N PHE A 172 14.53 -16.37 17.85
CA PHE A 172 14.46 -17.68 17.23
C PHE A 172 13.24 -17.71 16.30
N PRO A 173 13.41 -18.15 15.05
CA PRO A 173 12.32 -18.02 14.07
C PRO A 173 11.19 -19.01 14.22
N LEU A 174 11.32 -20.03 15.07
CA LEU A 174 10.30 -21.06 15.22
C LEU A 174 9.71 -21.01 16.63
N GLN A 175 8.45 -21.43 16.73
CA GLN A 175 7.73 -21.49 17.99
C GLN A 175 6.93 -22.78 18.05
N SER A 176 6.94 -23.42 19.21
CA SER A 176 6.16 -24.66 19.41
C SER A 176 4.68 -24.34 19.60
N TYR A 177 3.84 -25.26 19.13
CA TYR A 177 2.40 -25.09 19.26
C TYR A 177 1.93 -25.27 20.71
N GLY A 178 2.46 -26.26 21.41
CA GLY A 178 2.02 -26.53 22.77
C GLY A 178 0.62 -27.09 22.86
N PHE A 179 0.38 -28.20 22.19
CA PHE A 179 -0.95 -28.80 22.15
C PHE A 179 -1.27 -29.46 23.48
N GLN A 180 -2.29 -28.97 24.17
CA GLN A 180 -2.81 -29.61 25.37
C GLN A 180 -4.21 -30.12 25.10
N PRO A 181 -4.58 -31.27 25.66
CA PRO A 181 -5.92 -31.83 25.36
C PRO A 181 -7.06 -30.98 25.90
N THR A 182 -6.83 -30.14 26.91
CA THR A 182 -7.86 -29.24 27.42
C THR A 182 -8.12 -28.06 26.49
N ASN A 183 -7.27 -27.85 25.48
CA ASN A 183 -7.39 -26.67 24.63
C ASN A 183 -8.75 -26.66 23.92
N GLY A 184 -9.18 -25.46 23.53
CA GLY A 184 -10.33 -25.36 22.68
C GLY A 184 -10.08 -25.95 21.31
N VAL A 185 -11.17 -26.20 20.58
CA VAL A 185 -11.05 -26.95 19.34
C VAL A 185 -10.27 -26.14 18.30
N GLY A 186 -10.32 -24.81 18.38
CA GLY A 186 -9.55 -23.99 17.47
C GLY A 186 -8.05 -24.07 17.71
N TYR A 187 -7.65 -24.40 18.94
CA TYR A 187 -6.24 -24.50 19.31
C TYR A 187 -5.78 -25.95 19.43
N GLN A 188 -6.60 -26.93 18.95
CA GLN A 188 -6.31 -28.35 18.95
C GLN A 188 -5.53 -28.74 17.69
N PRO A 189 -4.71 -29.79 17.76
CA PRO A 189 -3.91 -30.17 16.59
C PRO A 189 -4.75 -30.88 15.53
N TYR A 190 -4.61 -30.41 14.29
CA TYR A 190 -5.25 -30.99 13.12
C TYR A 190 -4.17 -31.47 12.16
N ARG A 191 -4.30 -32.71 11.72
CA ARG A 191 -3.43 -33.27 10.70
C ARG A 191 -3.98 -32.94 9.33
N VAL A 192 -3.08 -32.58 8.42
CA VAL A 192 -3.45 -32.11 7.09
C VAL A 192 -2.61 -32.85 6.05
N VAL A 193 -3.30 -33.41 5.05
CA VAL A 193 -2.71 -34.02 3.87
C VAL A 193 -3.14 -33.20 2.67
N VAL A 194 -2.17 -32.65 1.95
CA VAL A 194 -2.41 -31.95 0.69
C VAL A 194 -1.99 -32.88 -0.44
N LEU A 195 -2.96 -33.33 -1.22
CA LEU A 195 -2.73 -34.13 -2.42
C LEU A 195 -2.58 -33.19 -3.61
N SER A 196 -1.37 -33.08 -4.12
CA SER A 196 -1.02 -32.32 -5.31
C SER A 196 -1.04 -33.24 -6.52
N PHE A 197 -1.92 -32.97 -7.48
CA PHE A 197 -1.98 -33.76 -8.71
C PHE A 197 -1.16 -33.05 -9.76
N GLU A 198 0.02 -33.58 -10.10
CA GLU A 198 0.83 -33.02 -11.16
C GLU A 198 0.77 -33.92 -12.38
N LEU A 199 0.58 -33.32 -13.54
CA LEU A 199 0.60 -34.06 -14.80
C LEU A 199 1.25 -33.20 -15.87
N LEU A 200 2.15 -33.82 -16.62
CA LEU A 200 2.76 -33.25 -17.81
C LEU A 200 2.59 -34.29 -18.92
N HIS A 201 3.25 -34.09 -20.06
CA HIS A 201 3.09 -35.03 -21.15
C HIS A 201 4.11 -36.16 -21.12
N ALA A 202 4.73 -36.39 -19.97
CA ALA A 202 5.24 -37.72 -19.68
C ALA A 202 4.05 -38.68 -19.51
N PRO A 203 4.25 -39.97 -19.70
CA PRO A 203 3.13 -40.92 -19.55
C PRO A 203 2.57 -40.90 -18.13
N ALA A 204 1.23 -40.94 -18.03
CA ALA A 204 0.59 -40.93 -16.72
C ALA A 204 0.90 -42.22 -15.97
N THR A 205 1.43 -42.08 -14.73
CA THR A 205 1.86 -43.22 -13.94
C THR A 205 1.00 -43.51 -12.73
N VAL A 206 0.15 -42.59 -12.30
CA VAL A 206 -0.73 -42.82 -11.15
C VAL A 206 -2.15 -42.64 -11.65
N CYS A 207 -2.91 -43.73 -11.64
CA CYS A 207 -4.30 -43.77 -12.05
C CYS A 207 -5.14 -44.53 -11.02
N GLY A 208 -6.40 -44.77 -11.37
CA GLY A 208 -7.40 -45.17 -10.41
C GLY A 208 -8.03 -46.44 -10.94
N PRO A 209 -8.98 -47.00 -10.20
CA PRO A 209 -9.59 -48.26 -10.63
C PRO A 209 -10.39 -48.15 -11.93
N LYS A 210 -9.69 -47.94 -13.06
CA LYS A 210 -10.28 -47.99 -14.40
C LYS A 210 -9.18 -48.08 -15.46
N THR B 15 -40.62 -35.58 6.57
CA THR B 15 -41.61 -34.49 6.36
C THR B 15 -41.81 -34.36 4.86
N ASN B 16 -40.82 -33.81 4.17
CA ASN B 16 -40.77 -33.75 2.68
C ASN B 16 -39.35 -33.44 2.25
N LEU B 17 -38.97 -33.78 1.03
CA LEU B 17 -37.61 -33.48 0.53
C LEU B 17 -37.68 -32.12 -0.16
N CYS B 18 -36.66 -31.27 -0.04
CA CYS B 18 -36.76 -29.94 -0.61
C CYS B 18 -36.23 -29.90 -2.03
N PRO B 19 -36.64 -28.88 -2.80
CA PRO B 19 -36.48 -28.93 -4.26
C PRO B 19 -35.09 -28.49 -4.72
N PHE B 20 -34.09 -29.33 -4.46
CA PHE B 20 -32.76 -29.05 -4.99
C PHE B 20 -32.75 -29.28 -6.51
N GLY B 21 -33.70 -30.04 -7.03
CA GLY B 21 -33.88 -30.11 -8.47
C GLY B 21 -34.30 -28.76 -9.05
N GLU B 22 -35.12 -28.01 -8.29
CA GLU B 22 -35.52 -26.67 -8.72
C GLU B 22 -34.32 -25.78 -8.98
N VAL B 23 -33.31 -25.84 -8.12
CA VAL B 23 -32.13 -24.98 -8.26
C VAL B 23 -31.12 -25.56 -9.25
N PHE B 24 -30.73 -26.83 -9.07
CA PHE B 24 -29.65 -27.37 -9.90
C PHE B 24 -30.10 -27.64 -11.34
N ASN B 25 -31.30 -28.22 -11.51
CA ASN B 25 -31.79 -28.61 -12.82
C ASN B 25 -32.59 -27.51 -13.51
N ALA B 26 -32.49 -26.27 -13.04
CA ALA B 26 -33.27 -25.16 -13.61
C ALA B 26 -32.86 -24.90 -15.06
N THR B 27 -33.86 -24.56 -15.89
CA THR B 27 -33.61 -24.35 -17.31
C THR B 27 -32.68 -23.16 -17.55
N ARG B 28 -32.91 -22.05 -16.86
CA ARG B 28 -32.05 -20.89 -16.98
C ARG B 28 -31.53 -20.47 -15.60
N PHE B 29 -30.32 -19.92 -15.60
CA PHE B 29 -29.72 -19.33 -14.41
C PHE B 29 -29.65 -17.82 -14.53
N ALA B 30 -29.53 -17.15 -13.38
CA ALA B 30 -29.39 -15.71 -13.37
C ALA B 30 -27.94 -15.31 -13.68
N SER B 31 -27.77 -14.07 -14.10
CA SER B 31 -26.45 -13.48 -14.21
C SER B 31 -25.84 -13.30 -12.82
N VAL B 32 -24.51 -13.32 -12.76
CA VAL B 32 -23.85 -13.30 -11.46
C VAL B 32 -24.11 -12.00 -10.71
N TYR B 33 -24.26 -10.89 -11.43
CA TYR B 33 -24.54 -9.62 -10.76
C TYR B 33 -25.92 -9.61 -10.13
N ALA B 34 -26.88 -10.32 -10.73
CA ALA B 34 -28.22 -10.46 -10.17
C ALA B 34 -28.43 -11.89 -9.68
N TRP B 35 -27.45 -12.43 -8.96
CA TRP B 35 -27.48 -13.82 -8.55
C TRP B 35 -28.74 -14.13 -7.76
N ASN B 36 -29.35 -15.28 -8.03
CA ASN B 36 -30.64 -15.56 -7.40
C ASN B 36 -30.47 -16.41 -6.15
N ARG B 37 -31.36 -16.19 -5.18
CA ARG B 37 -31.31 -16.88 -3.91
C ARG B 37 -32.67 -17.50 -3.62
N LYS B 38 -32.68 -18.81 -3.43
CA LYS B 38 -33.87 -19.58 -3.04
C LYS B 38 -33.70 -20.07 -1.61
N ARG B 39 -34.71 -19.84 -0.77
CA ARG B 39 -34.68 -20.34 0.60
C ARG B 39 -35.12 -21.80 0.64
N ILE B 40 -34.46 -22.57 1.51
CA ILE B 40 -34.63 -24.02 1.60
C ILE B 40 -35.00 -24.32 3.05
N SER B 41 -36.21 -24.85 3.22
CA SER B 41 -36.99 -24.79 4.45
C SER B 41 -37.69 -26.11 4.78
N ASN B 42 -37.54 -26.56 6.04
CA ASN B 42 -38.50 -27.49 6.66
C ASN B 42 -38.58 -28.80 5.90
N CYS B 43 -37.45 -29.45 5.70
CA CYS B 43 -37.47 -30.70 4.95
C CYS B 43 -36.25 -31.54 5.31
N VAL B 44 -36.23 -32.75 4.77
CA VAL B 44 -35.08 -33.64 4.85
C VAL B 44 -34.26 -33.43 3.59
N ALA B 45 -33.01 -32.98 3.75
CA ALA B 45 -32.15 -32.70 2.61
C ALA B 45 -31.22 -33.86 2.37
N ASP B 46 -31.28 -34.45 1.16
CA ASP B 46 -30.39 -35.59 0.83
C ASP B 46 -29.17 -35.10 0.06
N TYR B 47 -28.00 -35.05 0.67
CA TYR B 47 -26.89 -34.50 -0.12
C TYR B 47 -26.11 -35.62 -0.81
N SER B 48 -26.54 -36.85 -0.60
CA SER B 48 -25.94 -38.05 -1.20
C SER B 48 -26.01 -37.93 -2.73
N VAL B 49 -27.15 -37.47 -3.23
CA VAL B 49 -27.41 -37.33 -4.69
C VAL B 49 -26.42 -36.35 -5.30
N LEU B 50 -26.07 -35.29 -4.59
CA LEU B 50 -25.15 -34.30 -5.16
C LEU B 50 -23.71 -34.76 -5.06
N TYR B 51 -23.25 -34.95 -3.84
CA TYR B 51 -21.85 -35.25 -3.49
C TYR B 51 -21.21 -36.22 -4.47
N ASN B 52 -21.84 -37.37 -4.69
CA ASN B 52 -21.31 -38.36 -5.62
C ASN B 52 -22.10 -38.24 -6.92
N SER B 53 -21.67 -37.31 -7.75
CA SER B 53 -22.22 -37.15 -9.09
C SER B 53 -21.14 -36.59 -10.00
N ALA B 54 -21.07 -37.14 -11.21
CA ALA B 54 -20.09 -36.72 -12.20
C ALA B 54 -20.48 -35.42 -12.90
N SER B 55 -21.62 -34.82 -12.51
CA SER B 55 -22.13 -33.65 -13.22
C SER B 55 -21.33 -32.39 -12.94
N PHE B 56 -20.81 -32.22 -11.71
CA PHE B 56 -20.11 -31.02 -11.28
C PHE B 56 -18.59 -31.18 -11.45
N SER B 57 -17.91 -30.04 -11.70
CA SER B 57 -16.46 -29.99 -11.80
C SER B 57 -15.88 -29.25 -10.61
N THR B 58 -16.73 -28.84 -9.68
CA THR B 58 -16.24 -28.20 -8.48
C THR B 58 -17.22 -28.53 -7.38
N PHE B 59 -16.68 -28.91 -6.23
CA PHE B 59 -17.48 -29.23 -5.07
C PHE B 59 -16.58 -29.01 -3.85
N LYS B 60 -16.43 -27.75 -3.46
CA LYS B 60 -15.59 -27.40 -2.31
C LYS B 60 -16.51 -27.01 -1.17
N CYS B 61 -16.27 -27.58 0.01
CA CYS B 61 -17.12 -27.33 1.17
C CYS B 61 -16.28 -26.79 2.31
N TYR B 62 -16.78 -25.75 2.98
CA TYR B 62 -16.05 -25.01 3.99
C TYR B 62 -16.78 -25.13 5.32
N GLY B 63 -15.99 -25.37 6.37
CA GLY B 63 -16.47 -25.67 7.69
C GLY B 63 -16.77 -27.15 7.82
N VAL B 64 -17.86 -27.58 7.19
CA VAL B 64 -18.21 -28.99 7.12
C VAL B 64 -17.47 -29.64 5.95
N SER B 65 -17.27 -31.00 6.04
CA SER B 65 -16.73 -31.77 4.92
C SER B 65 -17.87 -32.29 4.05
N PRO B 66 -17.67 -32.38 2.73
CA PRO B 66 -18.81 -32.63 1.82
C PRO B 66 -19.47 -33.98 1.95
N THR B 67 -18.76 -35.05 2.29
CA THR B 67 -19.45 -36.18 2.88
C THR B 67 -19.48 -36.06 4.41
N LYS B 68 -20.36 -36.88 5.02
CA LYS B 68 -20.88 -36.80 6.40
C LYS B 68 -21.72 -35.54 6.57
N LEU B 69 -21.74 -34.72 5.52
CA LEU B 69 -22.72 -33.64 5.34
C LEU B 69 -24.17 -34.07 5.66
N ASN B 70 -24.52 -35.32 5.38
CA ASN B 70 -25.89 -35.83 5.45
C ASN B 70 -26.16 -36.53 6.78
N ASP B 71 -25.33 -36.18 7.76
CA ASP B 71 -25.48 -36.53 9.15
C ASP B 71 -25.28 -35.27 9.98
N LEU B 72 -25.32 -34.09 9.36
CA LEU B 72 -25.14 -32.82 10.07
C LEU B 72 -26.45 -32.06 9.88
N CYS B 73 -26.59 -30.90 10.52
CA CYS B 73 -27.86 -30.20 10.47
C CYS B 73 -27.65 -28.70 10.42
N PHE B 74 -28.70 -27.99 10.00
CA PHE B 74 -28.74 -26.57 9.64
C PHE B 74 -30.16 -26.13 9.93
N THR B 75 -30.33 -24.88 10.36
CA THR B 75 -31.68 -24.38 10.58
C THR B 75 -32.29 -23.80 9.31
N ASN B 76 -31.47 -23.37 8.36
CA ASN B 76 -31.95 -22.98 7.04
C ASN B 76 -30.85 -23.22 6.02
N VAL B 77 -31.25 -23.38 4.76
CA VAL B 77 -30.27 -23.46 3.68
C VAL B 77 -30.66 -22.45 2.60
N TYR B 78 -29.66 -21.80 2.01
CA TYR B 78 -29.89 -20.85 0.93
C TYR B 78 -29.15 -21.33 -0.30
N ALA B 79 -29.85 -21.41 -1.42
CA ALA B 79 -29.25 -21.83 -2.67
C ALA B 79 -29.08 -20.60 -3.55
N ASP B 80 -27.83 -20.20 -3.76
CA ASP B 80 -27.50 -19.08 -4.62
C ASP B 80 -27.03 -19.63 -5.97
N SER B 81 -27.73 -19.26 -7.03
CA SER B 81 -27.44 -19.75 -8.37
C SER B 81 -27.02 -18.59 -9.25
N PHE B 82 -25.97 -18.82 -10.05
CA PHE B 82 -25.59 -17.88 -11.09
C PHE B 82 -24.68 -18.58 -12.10
N VAL B 83 -24.19 -17.81 -13.08
CA VAL B 83 -23.33 -18.32 -14.14
C VAL B 83 -22.13 -17.40 -14.27
N ILE B 84 -20.93 -17.98 -14.30
CA ILE B 84 -19.70 -17.21 -14.55
C ILE B 84 -18.82 -17.96 -15.56
N ARG B 85 -17.56 -17.55 -15.68
CA ARG B 85 -16.61 -18.27 -16.51
C ARG B 85 -15.81 -19.22 -15.63
N GLY B 86 -15.38 -20.34 -16.23
CA GLY B 86 -14.67 -21.35 -15.46
C GLY B 86 -13.50 -20.78 -14.68
N ASP B 87 -12.72 -19.90 -15.31
CA ASP B 87 -11.50 -19.39 -14.67
C ASP B 87 -11.79 -18.39 -13.55
N GLU B 88 -13.05 -18.10 -13.26
CA GLU B 88 -13.44 -17.32 -12.11
C GLU B 88 -14.24 -18.13 -11.09
N VAL B 89 -14.38 -19.45 -11.30
CA VAL B 89 -15.04 -20.28 -10.29
C VAL B 89 -14.23 -20.26 -9.00
N ARG B 90 -12.91 -20.12 -9.10
CA ARG B 90 -12.10 -20.04 -7.90
C ARG B 90 -12.22 -18.70 -7.19
N GLN B 91 -12.88 -17.71 -7.81
CA GLN B 91 -13.22 -16.48 -7.09
C GLN B 91 -14.42 -16.66 -6.16
N ILE B 92 -15.21 -17.72 -6.36
CA ILE B 92 -16.29 -18.06 -5.45
C ILE B 92 -15.68 -18.82 -4.29
N ALA B 93 -15.03 -18.10 -3.38
CA ALA B 93 -14.30 -18.71 -2.27
C ALA B 93 -14.02 -17.64 -1.24
N PRO B 94 -13.90 -18.02 0.04
CA PRO B 94 -13.53 -17.04 1.07
C PRO B 94 -12.18 -16.42 0.79
N GLY B 95 -12.05 -15.13 1.11
CA GLY B 95 -10.77 -14.45 1.05
C GLY B 95 -10.20 -14.24 -0.33
N GLN B 96 -10.99 -14.47 -1.38
CA GLN B 96 -10.51 -14.29 -2.75
C GLN B 96 -10.88 -12.91 -3.26
N THR B 97 -10.21 -12.51 -4.33
CA THR B 97 -10.46 -11.20 -4.93
C THR B 97 -10.49 -11.34 -6.45
N GLY B 98 -10.89 -10.26 -7.10
CA GLY B 98 -11.21 -10.26 -8.51
C GLY B 98 -12.56 -9.60 -8.75
N LYS B 99 -12.85 -9.42 -10.03
CA LYS B 99 -14.05 -8.66 -10.38
C LYS B 99 -15.32 -9.35 -9.91
N ILE B 100 -15.36 -10.68 -9.92
CA ILE B 100 -16.55 -11.39 -9.45
C ILE B 100 -16.65 -11.31 -7.93
N ALA B 101 -15.56 -11.65 -7.23
CA ALA B 101 -15.58 -11.61 -5.78
C ALA B 101 -15.79 -10.20 -5.25
N ASP B 102 -15.34 -9.18 -5.98
CA ASP B 102 -15.41 -7.80 -5.51
C ASP B 102 -16.70 -7.09 -5.89
N TYR B 103 -17.22 -7.31 -7.10
CA TYR B 103 -18.33 -6.50 -7.61
C TYR B 103 -19.55 -7.31 -8.01
N ASN B 104 -19.57 -8.63 -7.75
CA ASN B 104 -20.72 -9.41 -8.17
C ASN B 104 -21.25 -10.32 -7.06
N TYR B 105 -20.40 -11.19 -6.52
CA TYR B 105 -20.82 -12.15 -5.50
C TYR B 105 -19.65 -12.38 -4.55
N LYS B 106 -19.84 -12.04 -3.28
CA LYS B 106 -18.79 -12.14 -2.28
C LYS B 106 -19.17 -13.17 -1.23
N LEU B 107 -18.29 -14.13 -1.02
CA LEU B 107 -18.51 -15.04 0.09
C LEU B 107 -17.74 -14.54 1.32
N PRO B 108 -18.28 -14.76 2.51
CA PRO B 108 -17.57 -14.32 3.73
C PRO B 108 -16.38 -15.21 4.02
N ASP B 109 -15.53 -14.73 4.93
CA ASP B 109 -14.36 -15.51 5.34
C ASP B 109 -14.73 -16.61 6.31
N ASP B 110 -15.78 -16.41 7.11
CA ASP B 110 -16.33 -17.43 8.00
C ASP B 110 -17.37 -18.29 7.31
N PHE B 111 -17.24 -18.51 6.00
CA PHE B 111 -18.27 -19.16 5.21
C PHE B 111 -18.47 -20.61 5.62
N THR B 112 -19.72 -20.97 5.90
CA THR B 112 -20.12 -22.34 6.19
C THR B 112 -21.01 -22.83 5.04
N GLY B 113 -20.46 -23.64 4.14
CA GLY B 113 -21.29 -24.10 3.04
C GLY B 113 -20.49 -24.72 1.92
N CYS B 114 -21.18 -24.97 0.81
CA CYS B 114 -20.58 -25.68 -0.31
C CYS B 114 -20.74 -24.90 -1.62
N VAL B 115 -19.64 -24.78 -2.37
CA VAL B 115 -19.65 -24.20 -3.70
C VAL B 115 -19.57 -25.35 -4.69
N ILE B 116 -20.58 -25.44 -5.56
CA ILE B 116 -20.71 -26.49 -6.56
C ILE B 116 -20.78 -25.84 -7.92
N ALA B 117 -20.08 -26.40 -8.88
CA ALA B 117 -20.01 -25.78 -10.20
C ALA B 117 -19.85 -26.84 -11.29
N TRP B 118 -20.46 -26.57 -12.44
CA TRP B 118 -20.34 -27.46 -13.59
C TRP B 118 -20.38 -26.67 -14.89
N ASN B 119 -19.66 -27.18 -15.88
CA ASN B 119 -19.61 -26.56 -17.20
C ASN B 119 -20.97 -26.64 -17.88
N SER B 120 -21.37 -25.54 -18.51
CA SER B 120 -22.65 -25.46 -19.21
C SER B 120 -22.47 -24.90 -20.61
N ASN B 121 -21.45 -25.37 -21.32
CA ASN B 121 -21.22 -24.92 -22.69
C ASN B 121 -22.37 -25.34 -23.61
N ASN B 122 -22.85 -26.56 -23.45
CA ASN B 122 -23.99 -27.03 -24.24
C ASN B 122 -25.29 -26.30 -23.90
N LEU B 123 -25.37 -25.57 -22.81
CA LEU B 123 -26.64 -24.95 -22.41
C LEU B 123 -26.64 -23.43 -22.56
N ASP B 124 -25.53 -22.77 -22.23
CA ASP B 124 -25.49 -21.31 -22.17
C ASP B 124 -24.53 -20.72 -23.21
N SER B 125 -23.98 -21.56 -24.09
CA SER B 125 -23.19 -21.15 -25.25
C SER B 125 -24.05 -21.36 -26.51
N LYS B 126 -23.70 -20.57 -27.54
CA LYS B 126 -24.68 -19.85 -28.36
C LYS B 126 -23.93 -19.16 -29.48
N VAL B 127 -23.99 -19.67 -30.71
CA VAL B 127 -23.07 -19.15 -31.71
C VAL B 127 -23.44 -17.72 -32.08
N GLY B 128 -22.41 -16.87 -32.21
CA GLY B 128 -22.57 -15.44 -32.30
C GLY B 128 -22.56 -14.74 -30.97
N GLY B 129 -22.54 -15.49 -29.88
CA GLY B 129 -22.45 -14.95 -28.54
C GLY B 129 -23.75 -14.95 -27.79
N ASN B 130 -23.68 -15.28 -26.51
CA ASN B 130 -24.82 -15.17 -25.61
C ASN B 130 -24.65 -13.93 -24.75
N TYR B 131 -25.55 -12.97 -24.92
CA TYR B 131 -25.49 -11.70 -24.21
C TYR B 131 -26.56 -11.60 -23.13
N ASN B 132 -27.02 -12.75 -22.64
CA ASN B 132 -27.97 -12.80 -21.53
C ASN B 132 -27.28 -12.82 -20.18
N TYR B 133 -26.00 -13.19 -20.14
CA TYR B 133 -25.26 -13.33 -18.90
C TYR B 133 -24.32 -12.13 -18.75
N LEU B 134 -24.57 -11.32 -17.73
CA LEU B 134 -23.82 -10.11 -17.48
C LEU B 134 -23.03 -10.24 -16.17
N TYR B 135 -22.01 -9.40 -16.04
CA TYR B 135 -21.29 -9.24 -14.79
C TYR B 135 -20.93 -7.77 -14.63
N ARG B 136 -20.88 -7.33 -13.38
CA ARG B 136 -20.52 -5.95 -13.07
C ARG B 136 -19.01 -5.79 -13.08
N LEU B 137 -18.52 -4.83 -13.87
CA LEU B 137 -17.10 -4.54 -13.90
C LEU B 137 -16.73 -3.17 -13.36
N PHE B 138 -17.72 -2.35 -13.00
CA PHE B 138 -17.47 -1.03 -12.44
C PHE B 138 -18.28 -0.87 -11.16
N ARG B 139 -17.59 -0.59 -10.05
CA ARG B 139 -18.25 -0.34 -8.78
C ARG B 139 -17.31 0.44 -7.88
N LYS B 140 -17.87 1.36 -7.10
CA LYS B 140 -17.06 2.24 -6.28
C LYS B 140 -16.41 1.50 -5.11
N SER B 141 -17.06 0.46 -4.60
CA SER B 141 -16.56 -0.26 -3.43
C SER B 141 -16.78 -1.75 -3.63
N ASN B 142 -16.03 -2.54 -2.86
CA ASN B 142 -16.21 -3.99 -2.88
C ASN B 142 -17.54 -4.35 -2.22
N LEU B 143 -18.12 -5.45 -2.70
CA LEU B 143 -19.34 -5.97 -2.08
C LEU B 143 -19.02 -6.55 -0.70
N LYS B 144 -19.95 -6.34 0.23
CA LYS B 144 -19.94 -7.07 1.48
C LYS B 144 -20.43 -8.50 1.24
N PRO B 145 -20.09 -9.43 2.14
CA PRO B 145 -20.51 -10.83 1.93
C PRO B 145 -22.01 -10.94 1.75
N PHE B 146 -22.42 -11.67 0.71
CA PHE B 146 -23.82 -11.96 0.40
C PHE B 146 -24.61 -10.69 0.08
N GLU B 147 -23.95 -9.67 -0.46
CA GLU B 147 -24.67 -8.50 -0.95
C GLU B 147 -24.94 -8.62 -2.45
N ARG B 148 -26.04 -8.02 -2.88
CA ARG B 148 -26.53 -8.09 -4.25
C ARG B 148 -26.71 -6.68 -4.78
N ASP B 149 -26.09 -6.39 -5.92
CA ASP B 149 -26.19 -5.07 -6.55
C ASP B 149 -26.84 -5.24 -7.91
N ILE B 150 -28.06 -4.71 -8.05
CA ILE B 150 -28.79 -4.74 -9.30
C ILE B 150 -28.78 -3.39 -10.01
N SER B 151 -28.34 -2.33 -9.33
CA SER B 151 -28.30 -0.99 -9.92
C SER B 151 -27.59 -1.00 -11.28
N THR B 152 -28.15 -0.27 -12.23
CA THR B 152 -27.60 -0.14 -13.57
C THR B 152 -27.18 1.30 -13.87
N GLU B 153 -26.82 2.05 -12.83
CA GLU B 153 -26.49 3.46 -13.00
C GLU B 153 -25.13 3.61 -13.68
N ILE B 154 -25.04 4.57 -14.60
CA ILE B 154 -23.82 4.75 -15.38
C ILE B 154 -22.68 5.18 -14.47
N TYR B 155 -21.54 4.49 -14.61
CA TYR B 155 -20.39 4.69 -13.73
C TYR B 155 -19.58 5.89 -14.17
N GLN B 156 -19.35 6.82 -13.25
CA GLN B 156 -18.59 8.03 -13.54
C GLN B 156 -17.12 7.79 -13.24
N ALA B 157 -16.29 7.76 -14.29
CA ALA B 157 -14.86 7.56 -14.14
C ALA B 157 -14.06 8.85 -14.23
N GLY B 158 -14.67 9.94 -14.69
CA GLY B 158 -14.00 11.21 -14.80
C GLY B 158 -14.54 12.25 -13.82
N SER B 159 -14.11 13.49 -14.04
CA SER B 159 -14.52 14.59 -13.16
C SER B 159 -15.89 15.15 -13.54
N THR B 160 -16.29 15.01 -14.80
CA THR B 160 -17.59 15.54 -15.20
C THR B 160 -18.68 14.49 -15.01
N PRO B 161 -19.85 14.88 -14.49
CA PRO B 161 -20.94 13.92 -14.29
C PRO B 161 -21.45 13.39 -15.62
N CYS B 162 -22.27 12.34 -15.52
CA CYS B 162 -22.72 11.60 -16.69
C CYS B 162 -24.13 11.94 -17.13
N ASN B 163 -25.00 12.30 -16.19
CA ASN B 163 -26.38 12.68 -16.48
C ASN B 163 -27.10 11.59 -17.29
N GLY B 164 -26.78 10.34 -17.01
CA GLY B 164 -27.42 9.26 -17.74
C GLY B 164 -26.95 9.09 -19.16
N VAL B 165 -25.82 9.70 -19.52
CA VAL B 165 -25.29 9.65 -20.88
C VAL B 165 -23.97 8.86 -20.85
N GLU B 166 -23.85 7.89 -21.76
CA GLU B 166 -22.60 7.16 -21.89
C GLU B 166 -21.65 7.91 -22.81
N GLY B 167 -20.37 7.61 -22.67
CA GLY B 167 -19.33 8.32 -23.38
C GLY B 167 -17.99 8.10 -22.70
N PHE B 168 -17.06 9.01 -22.96
CA PHE B 168 -15.75 8.92 -22.33
C PHE B 168 -15.87 9.14 -20.83
N ASN B 169 -15.24 8.26 -20.06
CA ASN B 169 -15.23 8.32 -18.60
C ASN B 169 -16.62 8.20 -17.99
N CYS B 170 -17.59 7.67 -18.73
CA CYS B 170 -18.92 7.39 -18.20
C CYS B 170 -19.38 6.08 -18.84
N TYR B 171 -19.27 4.98 -18.09
CA TYR B 171 -19.39 3.64 -18.66
C TYR B 171 -20.53 2.87 -18.02
N PHE B 172 -21.18 2.04 -18.81
CA PHE B 172 -22.18 1.12 -18.29
C PHE B 172 -21.51 0.17 -17.31
N PRO B 173 -22.04 0.00 -16.10
CA PRO B 173 -21.33 -0.80 -15.09
C PRO B 173 -21.41 -2.29 -15.34
N LEU B 174 -22.22 -2.75 -16.30
CA LEU B 174 -22.39 -4.16 -16.59
C LEU B 174 -21.81 -4.48 -17.96
N GLN B 175 -21.36 -5.72 -18.11
CA GLN B 175 -20.82 -6.20 -19.39
C GLN B 175 -21.26 -7.63 -19.61
N SER B 176 -21.63 -7.93 -20.86
CA SER B 176 -22.01 -9.29 -21.23
C SER B 176 -20.77 -10.19 -21.34
N TYR B 177 -20.96 -11.47 -21.00
CA TYR B 177 -19.89 -12.44 -21.14
C TYR B 177 -19.63 -12.78 -22.61
N GLY B 178 -20.69 -12.93 -23.39
CA GLY B 178 -20.56 -13.31 -24.79
C GLY B 178 -20.08 -14.74 -24.97
N PHE B 179 -20.81 -15.68 -24.37
CA PHE B 179 -20.41 -17.08 -24.38
C PHE B 179 -20.63 -17.70 -25.76
N GLN B 180 -19.56 -18.10 -26.41
CA GLN B 180 -19.63 -18.83 -27.67
C GLN B 180 -19.12 -20.25 -27.49
N PRO B 181 -19.68 -21.21 -28.21
CA PRO B 181 -19.19 -22.61 -28.09
C PRO B 181 -17.76 -22.79 -28.55
N THR B 182 -17.23 -21.84 -29.33
CA THR B 182 -15.84 -21.88 -29.78
C THR B 182 -14.84 -21.59 -28.68
N ASN B 183 -15.27 -21.05 -27.55
CA ASN B 183 -14.34 -20.61 -26.50
C ASN B 183 -13.60 -21.79 -25.87
N GLY B 184 -12.40 -21.48 -25.35
CA GLY B 184 -11.69 -22.43 -24.51
C GLY B 184 -12.39 -22.65 -23.19
N VAL B 185 -12.00 -23.72 -22.49
CA VAL B 185 -12.77 -24.15 -21.32
C VAL B 185 -12.67 -23.14 -20.19
N GLY B 186 -11.59 -22.37 -20.14
CA GLY B 186 -11.48 -21.33 -19.13
C GLY B 186 -12.45 -20.19 -19.35
N TYR B 187 -12.85 -19.95 -20.60
CA TYR B 187 -13.77 -18.87 -20.93
C TYR B 187 -15.18 -19.37 -21.23
N GLN B 188 -15.48 -20.66 -20.90
CA GLN B 188 -16.79 -21.27 -21.09
C GLN B 188 -17.69 -21.01 -19.89
N PRO B 189 -19.00 -20.98 -20.08
CA PRO B 189 -19.91 -20.68 -18.97
C PRO B 189 -20.03 -21.87 -18.01
N TYR B 190 -19.89 -21.59 -16.73
CA TYR B 190 -20.05 -22.56 -15.66
C TYR B 190 -21.20 -22.10 -14.78
N ARG B 191 -22.13 -23.01 -14.50
CA ARG B 191 -23.20 -22.76 -13.56
C ARG B 191 -22.70 -23.07 -12.16
N VAL B 192 -23.07 -22.21 -11.21
CA VAL B 192 -22.58 -22.29 -9.85
C VAL B 192 -23.75 -22.22 -8.89
N VAL B 193 -23.80 -23.18 -7.98
CA VAL B 193 -24.73 -23.25 -6.86
C VAL B 193 -23.92 -23.15 -5.57
N VAL B 194 -24.18 -22.12 -4.80
CA VAL B 194 -23.60 -21.94 -3.48
C VAL B 194 -24.67 -22.31 -2.46
N LEU B 195 -24.46 -23.40 -1.73
CA LEU B 195 -25.30 -23.79 -0.62
C LEU B 195 -24.76 -23.12 0.63
N SER B 196 -25.46 -22.10 1.12
CA SER B 196 -25.13 -21.42 2.37
C SER B 196 -25.96 -22.05 3.48
N PHE B 197 -25.30 -22.72 4.41
CA PHE B 197 -25.95 -23.37 5.54
C PHE B 197 -25.90 -22.47 6.76
N GLU B 198 -27.05 -21.95 7.18
CA GLU B 198 -27.08 -21.18 8.41
C GLU B 198 -27.71 -22.03 9.50
N LEU B 199 -27.11 -21.98 10.69
CA LEU B 199 -27.64 -22.69 11.85
C LEU B 199 -27.49 -21.86 13.10
N LEU B 200 -28.57 -21.81 13.88
CA LEU B 200 -28.61 -21.29 15.23
C LEU B 200 -29.22 -22.42 16.05
N HIS B 201 -29.49 -22.20 17.33
CA HIS B 201 -30.15 -23.28 18.06
C HIS B 201 -31.66 -23.07 18.13
N ALA B 202 -32.21 -22.30 17.18
CA ALA B 202 -33.61 -22.46 16.78
C ALA B 202 -33.76 -23.85 16.17
N PRO B 203 -34.97 -24.41 16.17
CA PRO B 203 -35.13 -25.81 15.77
C PRO B 203 -34.57 -26.09 14.38
N ALA B 204 -33.81 -27.18 14.28
CA ALA B 204 -33.23 -27.59 13.01
C ALA B 204 -34.31 -28.07 12.07
N THR B 205 -34.33 -27.52 10.86
CA THR B 205 -35.34 -27.87 9.88
C THR B 205 -34.82 -28.71 8.74
N VAL B 206 -33.50 -28.78 8.54
CA VAL B 206 -32.93 -29.63 7.51
C VAL B 206 -31.91 -30.57 8.14
N CYS B 207 -32.24 -31.86 8.16
CA CYS B 207 -31.30 -32.94 8.42
C CYS B 207 -31.58 -34.08 7.43
N GLY B 208 -30.80 -35.15 7.54
CA GLY B 208 -30.68 -36.11 6.48
C GLY B 208 -30.82 -37.55 6.91
N PRO B 209 -31.94 -37.91 7.55
CA PRO B 209 -32.04 -39.32 7.94
C PRO B 209 -32.11 -40.27 6.75
N GLU C 1 19.11 2.14 21.51
CA GLU C 1 17.80 2.64 21.94
C GLU C 1 16.78 2.51 20.81
N VAL C 2 15.51 2.37 21.16
CA VAL C 2 14.44 2.20 20.18
C VAL C 2 13.42 3.32 20.36
N GLN C 3 12.84 3.77 19.26
CA GLN C 3 11.72 4.70 19.37
C GLN C 3 10.96 4.72 18.05
N LEU C 4 9.68 5.07 18.17
CA LEU C 4 8.78 5.27 17.04
C LEU C 4 8.18 6.66 17.16
N VAL C 5 8.27 7.45 16.11
CA VAL C 5 7.77 8.83 16.12
C VAL C 5 6.72 8.96 15.02
N GLU C 6 5.49 9.30 15.42
CA GLU C 6 4.40 9.48 14.47
C GLU C 6 4.33 10.91 14.00
N SER C 7 3.77 11.09 12.80
CA SER C 7 3.60 12.41 12.20
C SER C 7 2.59 12.29 11.07
N GLY C 8 2.24 13.45 10.51
CA GLY C 8 1.27 13.52 9.45
C GLY C 8 -0.15 13.76 9.90
N GLY C 9 -0.44 13.66 11.19
CA GLY C 9 -1.78 13.91 11.68
C GLY C 9 -2.16 15.38 11.60
N GLY C 10 -3.46 15.62 11.58
CA GLY C 10 -3.97 16.98 11.54
C GLY C 10 -5.45 17.05 11.27
N LEU C 11 -5.87 18.06 10.50
CA LEU C 11 -7.26 18.23 10.15
C LEU C 11 -7.49 17.74 8.72
N VAL C 12 -8.55 16.95 8.55
CA VAL C 12 -8.93 16.41 7.25
C VAL C 12 -10.43 16.60 7.11
N GLN C 13 -10.86 17.01 5.92
CA GLN C 13 -12.29 17.18 5.69
C GLN C 13 -12.96 15.82 5.55
N PRO C 14 -14.23 15.70 5.93
CA PRO C 14 -14.93 14.42 5.78
C PRO C 14 -14.88 13.93 4.34
N GLY C 15 -14.50 12.67 4.17
CA GLY C 15 -14.26 12.11 2.86
C GLY C 15 -12.86 12.31 2.34
N GLY C 16 -12.05 13.12 3.01
CA GLY C 16 -10.71 13.41 2.56
C GLY C 16 -9.73 12.29 2.91
N SER C 17 -8.48 12.54 2.57
CA SER C 17 -7.40 11.57 2.74
C SER C 17 -6.29 12.17 3.58
N LEU C 18 -5.44 11.27 4.11
CA LEU C 18 -4.28 11.70 4.89
C LEU C 18 -3.35 10.51 5.07
N ARG C 19 -2.05 10.78 5.06
CA ARG C 19 -1.02 9.74 5.15
C ARG C 19 -0.26 9.93 6.46
N LEU C 20 -0.42 8.98 7.38
CA LEU C 20 0.30 8.99 8.64
C LEU C 20 1.63 8.27 8.48
N SER C 21 2.68 8.85 9.05
CA SER C 21 4.01 8.26 9.01
C SER C 21 4.45 7.92 10.44
N CYS C 22 5.27 6.88 10.55
CA CYS C 22 5.84 6.45 11.83
C CYS C 22 7.29 6.07 11.56
N ALA C 23 8.22 6.96 11.94
CA ALA C 23 9.63 6.70 11.75
C ALA C 23 10.18 5.89 12.91
N ALA C 24 10.88 4.82 12.59
CA ALA C 24 11.42 3.90 13.59
C ALA C 24 12.93 4.03 13.67
N SER C 25 13.46 3.91 14.88
CA SER C 25 14.89 3.79 15.12
C SER C 25 15.12 2.64 16.08
N GLY C 26 16.09 1.79 15.74
CA GLY C 26 16.38 0.56 16.46
C GLY C 26 16.04 -0.66 15.64
N PHE C 27 14.78 -1.10 15.68
CA PHE C 27 14.34 -2.14 14.76
C PHE C 27 14.15 -1.57 13.35
N THR C 28 14.35 -2.42 12.36
CA THR C 28 14.03 -2.06 10.98
C THR C 28 12.63 -2.55 10.65
N VAL C 29 11.75 -1.62 10.26
CA VAL C 29 10.33 -1.93 10.05
C VAL C 29 10.15 -3.03 9.01
N GLY C 30 11.06 -3.13 8.03
CA GLY C 30 10.89 -4.12 6.99
C GLY C 30 10.83 -5.53 7.52
N TRP C 31 11.53 -5.81 8.62
CA TRP C 31 11.65 -7.16 9.14
C TRP C 31 10.75 -7.42 10.35
N ASN C 32 9.82 -6.52 10.63
CA ASN C 32 9.01 -6.64 11.84
C ASN C 32 7.52 -6.71 11.51
N TYR C 33 6.77 -7.35 12.41
CA TYR C 33 5.33 -7.13 12.46
C TYR C 33 5.06 -5.74 13.00
N MET C 34 4.27 -4.95 12.26
CA MET C 34 3.93 -3.60 12.69
C MET C 34 2.41 -3.45 12.73
N SER C 35 1.92 -2.56 13.59
CA SER C 35 0.49 -2.36 13.68
C SER C 35 0.17 -0.89 13.92
N TRP C 36 -1.03 -0.50 13.49
CA TRP C 36 -1.63 0.78 13.82
C TRP C 36 -2.84 0.53 14.72
N VAL C 37 -2.91 1.29 15.81
CA VAL C 37 -3.98 1.23 16.79
C VAL C 37 -4.53 2.64 16.96
N ARG C 38 -5.85 2.78 16.99
CA ARG C 38 -6.43 4.10 17.20
C ARG C 38 -7.23 4.14 18.50
N GLN C 39 -7.41 5.36 19.00
CA GLN C 39 -8.11 5.61 20.26
C GLN C 39 -8.93 6.89 20.08
N ALA C 40 -10.25 6.74 20.06
CA ALA C 40 -11.14 7.88 19.95
C ALA C 40 -11.04 8.75 21.21
N PRO C 41 -11.27 10.06 21.09
CA PRO C 41 -11.09 10.95 22.25
C PRO C 41 -11.93 10.51 23.45
N GLY C 42 -11.25 10.21 24.54
CA GLY C 42 -11.88 9.81 25.78
C GLY C 42 -12.39 8.38 25.84
N LYS C 43 -12.24 7.60 24.77
CA LYS C 43 -12.75 6.23 24.77
C LYS C 43 -11.56 5.26 24.67
N GLY C 44 -11.80 4.01 24.29
CA GLY C 44 -10.81 2.97 24.42
C GLY C 44 -10.01 2.69 23.15
N LEU C 45 -9.10 1.72 23.27
CA LEU C 45 -8.23 1.34 22.16
C LEU C 45 -8.95 0.43 21.18
N GLU C 46 -8.71 0.66 19.89
CA GLU C 46 -9.28 -0.14 18.82
C GLU C 46 -8.18 -0.45 17.81
N TRP C 47 -7.96 -1.74 17.55
CA TRP C 47 -7.01 -2.16 16.54
C TRP C 47 -7.43 -1.65 15.17
N VAL C 48 -6.48 -1.11 14.42
CA VAL C 48 -6.73 -0.58 13.08
C VAL C 48 -6.14 -1.49 12.00
N SER C 49 -4.85 -1.76 12.07
CA SER C 49 -4.23 -2.53 10.99
C SER C 49 -2.92 -3.15 11.44
N VAL C 50 -2.44 -4.11 10.63
CA VAL C 50 -1.20 -4.82 10.92
C VAL C 50 -0.57 -5.23 9.59
N ILE C 51 0.76 -5.15 9.53
CA ILE C 51 1.53 -5.62 8.39
C ILE C 51 2.54 -6.64 8.88
N TYR C 52 2.65 -7.75 8.16
CA TYR C 52 3.58 -8.81 8.46
C TYR C 52 4.96 -8.49 7.88
N PRO C 53 6.01 -9.16 8.35
CA PRO C 53 7.33 -8.93 7.74
C PRO C 53 7.38 -9.26 6.25
N GLY C 54 6.68 -10.32 5.83
CA GLY C 54 6.64 -10.72 4.45
C GLY C 54 5.78 -9.86 3.54
N GLY C 55 5.09 -8.87 4.09
CA GLY C 55 4.30 -7.95 3.32
C GLY C 55 2.81 -8.11 3.48
N THR C 56 2.35 -9.19 4.09
CA THR C 56 0.93 -9.43 4.22
C THR C 56 0.30 -8.42 5.17
N THR C 57 -0.89 -7.93 4.80
CA THR C 57 -1.60 -6.91 5.55
C THR C 57 -2.92 -7.44 6.08
N PHE C 58 -3.38 -6.87 7.18
CA PHE C 58 -4.68 -7.17 7.76
C PHE C 58 -5.28 -5.89 8.31
N TYR C 59 -6.59 -5.75 8.14
CA TYR C 59 -7.30 -4.54 8.51
C TYR C 59 -8.53 -4.88 9.34
N ALA C 60 -8.85 -4.02 10.30
CA ALA C 60 -10.10 -4.11 11.01
C ALA C 60 -11.27 -3.81 10.08
N ASP C 61 -12.42 -4.42 10.37
CA ASP C 61 -13.54 -4.32 9.45
C ASP C 61 -14.12 -2.90 9.40
N SER C 62 -13.86 -2.08 10.42
CA SER C 62 -14.22 -0.67 10.34
C SER C 62 -13.50 0.05 9.20
N VAL C 63 -12.28 -0.37 8.87
CA VAL C 63 -11.40 0.42 8.02
C VAL C 63 -11.06 -0.28 6.71
N LYS C 64 -11.66 -1.45 6.45
CA LYS C 64 -11.30 -2.20 5.24
C LYS C 64 -11.79 -1.46 3.99
N GLY C 65 -10.92 -1.43 2.97
CA GLY C 65 -11.19 -0.70 1.76
C GLY C 65 -10.96 0.79 1.82
N ARG C 66 -10.69 1.34 3.00
CA ARG C 66 -10.42 2.76 3.15
C ARG C 66 -9.03 3.07 3.65
N PHE C 67 -8.44 2.20 4.47
CA PHE C 67 -7.09 2.40 4.99
C PHE C 67 -6.16 1.34 4.39
N THR C 68 -4.93 1.74 4.09
CA THR C 68 -3.92 0.82 3.60
C THR C 68 -2.61 1.10 4.33
N ILE C 69 -1.94 0.04 4.76
CA ILE C 69 -0.69 0.14 5.49
C ILE C 69 0.46 -0.27 4.57
N SER C 70 1.58 0.45 4.67
CA SER C 70 2.71 0.24 3.77
C SER C 70 4.01 0.62 4.48
N ARG C 71 5.13 0.41 3.80
CA ARG C 71 6.44 0.54 4.42
C ARG C 71 7.42 1.17 3.44
N ASP C 72 8.39 1.89 4.00
CA ASP C 72 9.58 2.30 3.25
C ASP C 72 10.79 1.87 4.07
N ASN C 73 11.61 0.98 3.50
CA ASN C 73 12.75 0.45 4.23
C ASN C 73 13.91 1.45 4.29
N SER C 74 14.25 2.06 3.16
CA SER C 74 15.23 3.16 3.14
C SER C 74 14.98 4.17 4.24
N MET C 75 13.75 4.69 4.32
CA MET C 75 13.38 5.65 5.36
C MET C 75 13.14 5.00 6.70
N ASN C 76 13.06 3.66 6.75
CA ASN C 76 12.72 2.90 7.95
C ASN C 76 11.45 3.45 8.60
N THR C 77 10.40 3.53 7.80
CA THR C 77 9.16 4.19 8.19
C THR C 77 7.95 3.37 7.82
N LEU C 78 6.95 3.38 8.70
CA LEU C 78 5.66 2.78 8.46
C LEU C 78 4.69 3.87 8.03
N PHE C 79 3.73 3.52 7.18
CA PHE C 79 2.77 4.48 6.64
C PHE C 79 1.37 3.90 6.71
N LEU C 80 0.41 4.76 7.05
CA LEU C 80 -1.01 4.42 7.05
C LEU C 80 -1.71 5.45 6.18
N GLN C 81 -2.08 5.05 4.97
CA GLN C 81 -2.79 5.91 4.03
C GLN C 81 -4.29 5.74 4.25
N MET C 82 -4.98 6.83 4.58
CA MET C 82 -6.40 6.82 4.88
C MET C 82 -7.15 7.61 3.83
N ASN C 83 -8.21 7.00 3.29
CA ASN C 83 -9.05 7.63 2.28
C ASN C 83 -10.50 7.60 2.74
N SER C 84 -11.29 8.52 2.19
CA SER C 84 -12.70 8.70 2.57
C SER C 84 -12.87 8.57 4.08
N LEU C 85 -12.23 9.51 4.79
CA LEU C 85 -12.27 9.50 6.24
C LEU C 85 -13.67 9.89 6.73
N ARG C 86 -14.15 9.15 7.72
CA ARG C 86 -15.44 9.44 8.33
C ARG C 86 -15.23 10.12 9.68
N ALA C 87 -16.30 10.74 10.18
CA ALA C 87 -16.21 11.45 11.46
C ALA C 87 -15.75 10.54 12.58
N GLU C 88 -16.19 9.28 12.56
CA GLU C 88 -15.79 8.29 13.57
C GLU C 88 -14.31 7.96 13.52
N ASP C 89 -13.62 8.28 12.43
CA ASP C 89 -12.20 7.98 12.34
C ASP C 89 -11.34 8.97 13.13
N THR C 90 -11.93 10.03 13.69
CA THR C 90 -11.21 10.97 14.52
C THR C 90 -10.66 10.26 15.75
N ALA C 91 -9.35 10.28 15.92
CA ALA C 91 -8.73 9.52 17.01
C ALA C 91 -7.23 9.83 17.07
N VAL C 92 -6.61 9.41 18.17
CA VAL C 92 -5.16 9.34 18.25
C VAL C 92 -4.71 8.03 17.64
N TYR C 93 -3.74 8.08 16.74
CA TYR C 93 -3.23 6.90 16.06
C TYR C 93 -1.81 6.63 16.53
N TYR C 94 -1.60 5.42 17.05
CA TYR C 94 -0.30 4.92 17.50
C TYR C 94 0.18 3.85 16.52
N CYS C 95 1.48 3.86 16.23
CA CYS C 95 2.14 2.73 15.61
C CYS C 95 2.81 1.89 16.69
N ALA C 96 2.85 0.59 16.48
CA ALA C 96 3.42 -0.29 17.49
C ALA C 96 4.13 -1.47 16.84
N ARG C 97 5.28 -1.81 17.39
CA ARG C 97 5.96 -3.04 17.02
C ARG C 97 5.23 -4.20 17.69
N VAL C 98 5.00 -5.26 16.93
CA VAL C 98 4.27 -6.43 17.39
C VAL C 98 5.21 -7.62 17.40
N LEU C 99 5.16 -8.40 18.48
CA LEU C 99 5.91 -9.63 18.60
C LEU C 99 4.97 -10.82 18.54
N PRO C 100 5.28 -11.86 17.78
CA PRO C 100 4.35 -12.98 17.54
C PRO C 100 4.59 -14.23 18.40
N MET C 101 5.51 -14.21 19.36
CA MET C 101 5.95 -15.45 20.00
C MET C 101 4.97 -16.04 21.02
N TYR C 102 4.00 -15.28 21.51
CA TYR C 102 3.06 -15.77 22.51
C TYR C 102 1.69 -15.19 22.18
N GLY C 103 1.23 -15.49 20.97
CA GLY C 103 0.22 -14.68 20.34
C GLY C 103 0.91 -13.38 19.97
N ASP C 104 0.13 -12.40 19.56
CA ASP C 104 0.68 -11.12 19.17
C ASP C 104 0.49 -10.12 20.29
N TYR C 105 1.59 -9.49 20.71
CA TYR C 105 1.54 -8.43 21.70
C TYR C 105 2.41 -7.29 21.21
N LEU C 106 2.08 -6.09 21.67
CA LEU C 106 2.67 -4.86 21.17
C LEU C 106 3.61 -4.34 22.26
N ASP C 107 4.92 -4.52 22.03
CA ASP C 107 5.90 -4.27 23.07
C ASP C 107 6.44 -2.84 23.07
N TYR C 108 6.35 -2.13 21.94
CA TYR C 108 6.75 -0.73 21.90
C TYR C 108 5.78 0.04 21.03
N TRP C 109 5.26 1.14 21.57
CA TRP C 109 4.25 1.93 20.91
C TRP C 109 4.81 3.29 20.51
N GLY C 110 4.31 3.77 19.38
CA GLY C 110 4.45 5.18 19.10
C GLY C 110 3.59 5.96 20.05
N GLN C 111 3.80 7.26 20.03
CA GLN C 111 3.33 8.14 21.09
C GLN C 111 2.18 9.01 20.61
N GLY C 112 1.56 8.58 19.51
CA GLY C 112 0.30 9.04 19.00
C GLY C 112 0.42 10.28 18.15
N THR C 113 -0.47 10.36 17.16
CA THR C 113 -0.68 11.58 16.42
C THR C 113 -2.17 11.71 16.25
N LEU C 114 -2.69 12.91 16.45
CA LEU C 114 -4.13 13.12 16.49
C LEU C 114 -4.64 13.43 15.09
N VAL C 115 -5.67 12.70 14.67
CA VAL C 115 -6.36 12.93 13.41
C VAL C 115 -7.76 13.41 13.76
N THR C 116 -8.09 14.64 13.38
CA THR C 116 -9.42 15.20 13.56
C THR C 116 -10.03 15.42 12.18
N VAL C 117 -11.18 14.80 11.94
CA VAL C 117 -11.91 14.99 10.69
C VAL C 117 -13.24 15.69 11.01
N SER C 118 -13.39 16.89 10.47
CA SER C 118 -14.62 17.67 10.57
C SER C 118 -14.59 18.71 9.47
N SER C 119 -15.76 19.28 9.17
CA SER C 119 -15.87 20.20 8.04
C SER C 119 -15.43 21.61 8.38
N ALA C 120 -14.80 21.82 9.54
CA ALA C 120 -14.34 23.14 9.92
C ALA C 120 -12.96 23.41 9.33
N SER C 121 -12.51 24.64 9.48
CA SER C 121 -11.23 25.10 8.96
C SER C 121 -10.20 25.17 10.08
N THR C 122 -8.93 25.03 9.71
CA THR C 122 -7.85 25.18 10.69
C THR C 122 -7.73 26.63 11.10
N LYS C 123 -7.45 26.86 12.39
CA LYS C 123 -7.38 28.19 12.95
C LYS C 123 -6.15 28.29 13.83
N GLY C 124 -5.36 29.35 13.64
CA GLY C 124 -4.22 29.61 14.48
C GLY C 124 -4.64 30.29 15.78
N PRO C 125 -3.96 29.94 16.87
CA PRO C 125 -4.38 30.46 18.17
C PRO C 125 -3.85 31.85 18.45
N SER C 126 -4.61 32.58 19.28
CA SER C 126 -4.13 33.80 19.89
C SER C 126 -3.71 33.47 21.31
N VAL C 127 -2.48 33.79 21.67
CA VAL C 127 -1.95 33.45 22.98
C VAL C 127 -1.78 34.72 23.79
N PHE C 128 -2.49 34.80 24.92
CA PHE C 128 -2.49 35.94 25.83
C PHE C 128 -1.81 35.58 27.14
N PRO C 129 -1.17 36.54 27.81
CA PRO C 129 -0.53 36.25 29.10
C PRO C 129 -1.54 36.35 30.24
N LEU C 130 -1.53 35.35 31.12
CA LEU C 130 -2.24 35.42 32.40
C LEU C 130 -1.20 35.88 33.40
N ALA C 131 -1.14 37.21 33.59
CA ALA C 131 -0.11 37.84 34.41
C ALA C 131 -0.51 37.83 35.89
N PRO C 132 0.43 37.53 36.78
CA PRO C 132 0.15 37.56 38.23
C PRO C 132 0.06 39.00 38.74
N SER C 133 -0.98 39.27 39.51
CA SER C 133 -1.06 40.59 40.10
C SER C 133 -0.27 40.62 41.41
N SER C 134 -0.12 41.81 41.95
CA SER C 134 0.81 42.03 43.05
C SER C 134 0.48 41.24 44.30
N LYS C 135 -0.77 41.25 44.74
CA LYS C 135 -1.14 40.52 45.94
C LYS C 135 -1.29 39.02 45.72
N SER C 136 -1.67 38.61 44.52
CA SER C 136 -1.66 37.20 44.15
C SER C 136 -0.21 36.70 44.09
N GLY C 139 0.81 36.42 47.98
CA GLY C 139 1.12 35.40 48.97
C GLY C 139 2.48 34.78 48.72
N GLY C 140 2.71 33.56 49.21
CA GLY C 140 4.04 32.99 49.09
C GLY C 140 4.38 32.40 47.74
N THR C 141 3.36 32.02 46.98
CA THR C 141 3.52 31.49 45.63
C THR C 141 2.77 32.42 44.68
N ALA C 142 3.27 32.49 43.45
CA ALA C 142 2.67 33.28 42.39
C ALA C 142 2.40 32.38 41.20
N ALA C 143 1.21 32.49 40.64
CA ALA C 143 0.83 31.76 39.43
C ALA C 143 0.96 32.66 38.21
N LEU C 144 1.44 32.09 37.11
CA LEU C 144 1.51 32.81 35.85
C LEU C 144 1.23 31.85 34.72
N GLY C 145 0.80 32.37 33.58
CA GLY C 145 0.52 31.43 32.52
C GLY C 145 0.21 32.07 31.20
N CYS C 146 -0.28 31.23 30.29
CA CYS C 146 -0.67 31.62 28.95
C CYS C 146 -2.05 31.02 28.68
N LEU C 147 -2.92 31.85 28.12
CA LEU C 147 -4.22 31.43 27.62
C LEU C 147 -4.11 31.34 26.09
N VAL C 148 -4.20 30.12 25.57
CA VAL C 148 -4.15 29.87 24.13
C VAL C 148 -5.58 29.72 23.66
N LYS C 149 -6.09 30.72 22.95
CA LYS C 149 -7.52 30.84 22.68
C LYS C 149 -7.79 30.77 21.17
N ASP C 150 -8.95 30.19 20.84
CA ASP C 150 -9.54 30.25 19.50
C ASP C 150 -8.60 29.63 18.45
N TYR C 151 -8.42 28.31 18.59
CA TYR C 151 -7.67 27.53 17.62
C TYR C 151 -8.45 26.27 17.26
N PHE C 152 -8.10 25.71 16.09
CA PHE C 152 -8.71 24.47 15.62
C PHE C 152 -7.81 23.85 14.57
N PRO C 153 -7.60 22.51 14.61
CA PRO C 153 -8.11 21.66 15.67
C PRO C 153 -7.05 21.47 16.75
N GLU C 154 -7.29 20.55 17.66
CA GLU C 154 -6.26 20.17 18.60
C GLU C 154 -5.21 19.33 17.87
N PRO C 155 -3.99 19.24 18.40
CA PRO C 155 -3.49 19.82 19.65
C PRO C 155 -2.59 21.04 19.47
N VAL C 156 -2.32 21.73 20.57
CA VAL C 156 -1.27 22.72 20.65
C VAL C 156 -0.30 22.24 21.72
N THR C 157 0.99 22.49 21.50
CA THR C 157 2.02 22.08 22.43
C THR C 157 2.57 23.34 23.10
N VAL C 158 2.55 23.36 24.43
CA VAL C 158 3.07 24.48 25.20
C VAL C 158 4.22 23.96 26.06
N SER C 159 5.38 24.59 25.91
CA SER C 159 6.48 24.38 26.84
C SER C 159 6.83 25.71 27.47
N TRP C 160 7.67 25.66 28.51
CA TRP C 160 8.06 26.86 29.23
C TRP C 160 9.58 26.99 29.21
N ASN C 161 10.07 28.15 28.75
CA ASN C 161 11.49 28.40 28.60
C ASN C 161 12.15 27.35 27.71
N SER C 162 11.48 27.05 26.60
CA SER C 162 11.81 25.94 25.70
C SER C 162 12.24 24.70 26.50
N GLY C 163 11.32 24.22 27.32
CA GLY C 163 11.51 22.98 28.05
C GLY C 163 12.35 23.08 29.30
N ALA C 164 12.99 24.23 29.56
CA ALA C 164 13.86 24.36 30.72
C ALA C 164 13.08 24.38 32.02
N LEU C 165 11.82 24.80 31.99
CA LEU C 165 10.97 24.88 33.17
C LEU C 165 9.85 23.85 33.04
N THR C 166 9.89 22.84 33.91
CA THR C 166 8.85 21.81 33.96
C THR C 166 8.23 21.63 35.33
N SER C 167 8.83 22.17 36.39
CA SER C 167 8.25 22.01 37.72
C SER C 167 7.08 22.96 37.92
N GLY C 168 6.01 22.43 38.50
CA GLY C 168 4.82 23.21 38.78
C GLY C 168 3.97 23.54 37.58
N VAL C 169 4.29 23.00 36.40
CA VAL C 169 3.58 23.34 35.18
C VAL C 169 2.34 22.47 35.05
N HIS C 170 1.19 23.12 34.90
CA HIS C 170 -0.08 22.46 34.63
C HIS C 170 -0.62 23.00 33.31
N THR C 171 -0.70 22.15 32.29
CA THR C 171 -1.36 22.54 31.05
C THR C 171 -2.66 21.77 30.94
N PHE C 172 -3.75 22.49 30.97
CA PHE C 172 -5.07 21.91 31.13
C PHE C 172 -5.57 21.35 29.81
N PRO C 173 -6.39 20.30 29.87
CA PRO C 173 -7.05 19.83 28.65
C PRO C 173 -7.84 20.96 28.01
N ALA C 174 -7.79 21.02 26.69
CA ALA C 174 -8.54 22.06 26.00
C ALA C 174 -10.04 21.78 26.11
N VAL C 175 -10.83 22.85 26.05
CA VAL C 175 -12.28 22.74 26.04
C VAL C 175 -12.78 23.42 24.78
N LEU C 176 -13.78 22.81 24.16
CA LEU C 176 -14.33 23.34 22.92
C LEU C 176 -15.39 24.39 23.24
N GLN C 177 -15.23 25.58 22.69
CA GLN C 177 -16.17 26.63 23.07
C GLN C 177 -17.44 26.51 22.22
N SER C 178 -18.43 27.30 22.57
CA SER C 178 -19.67 27.37 21.79
C SER C 178 -19.31 27.74 20.35
N SER C 179 -18.17 28.34 20.19
CA SER C 179 -17.58 28.79 18.92
C SER C 179 -17.29 27.59 18.04
N GLY C 180 -16.85 26.52 18.65
CA GLY C 180 -16.44 25.37 17.84
C GLY C 180 -14.96 25.44 17.80
N LEU C 181 -14.42 26.46 18.46
CA LEU C 181 -13.00 26.61 18.56
C LEU C 181 -12.51 26.08 19.90
N TYR C 182 -11.25 25.68 19.94
CA TYR C 182 -10.65 25.23 21.19
C TYR C 182 -9.97 26.40 21.90
N SER C 183 -9.91 26.31 23.22
CA SER C 183 -9.02 27.18 23.98
C SER C 183 -8.55 26.40 25.20
N LEU C 184 -7.45 26.88 25.77
CA LEU C 184 -6.62 26.06 26.65
C LEU C 184 -5.82 26.98 27.54
N SER C 185 -5.49 26.50 28.73
CA SER C 185 -4.71 27.26 29.69
C SER C 185 -3.48 26.46 30.10
N SER C 186 -2.32 27.13 30.10
CA SER C 186 -1.08 26.55 30.62
C SER C 186 -0.51 27.48 31.68
N VAL C 187 -0.45 27.00 32.91
CA VAL C 187 0.00 27.81 34.02
C VAL C 187 1.16 27.12 34.72
N VAL C 188 1.86 27.88 35.55
CA VAL C 188 2.88 27.35 36.44
C VAL C 188 2.99 28.28 37.64
N THR C 189 3.15 27.68 38.81
CA THR C 189 3.30 28.39 40.07
C THR C 189 4.76 28.37 40.50
N VAL C 190 5.17 29.44 41.17
CA VAL C 190 6.58 29.73 41.41
C VAL C 190 6.68 30.41 42.76
N PRO C 191 7.80 30.30 43.47
CA PRO C 191 8.06 31.27 44.53
C PRO C 191 8.03 32.66 43.94
N SER C 192 7.41 33.61 44.64
CA SER C 192 7.23 34.91 44.01
C SER C 192 8.52 35.71 43.98
N SER C 193 9.50 35.34 44.81
CA SER C 193 10.85 35.86 44.61
C SER C 193 11.31 35.54 43.20
N SER C 194 11.02 34.32 42.74
CA SER C 194 11.42 33.91 41.40
C SER C 194 10.92 34.86 40.31
N LEU C 195 9.92 35.72 40.58
CA LEU C 195 9.46 36.63 39.54
C LEU C 195 10.44 37.78 39.28
N GLY C 196 11.43 37.92 40.14
CA GLY C 196 12.54 38.80 39.92
C GLY C 196 13.72 38.05 39.35
N THR C 197 13.78 36.74 39.61
CA THR C 197 14.92 35.93 39.16
C THR C 197 14.82 35.57 37.69
N GLN C 198 13.79 34.78 37.37
CA GLN C 198 13.68 34.06 36.11
C GLN C 198 12.87 34.86 35.09
N THR C 199 13.08 34.52 33.83
CA THR C 199 12.29 35.08 32.74
C THR C 199 11.43 33.92 32.24
N TYR C 200 10.13 34.16 32.09
CA TYR C 200 9.18 33.08 31.81
C TYR C 200 8.56 33.31 30.44
N ILE C 201 8.94 32.46 29.49
CA ILE C 201 8.41 32.54 28.13
C ILE C 201 7.66 31.25 27.85
N CYS C 202 6.40 31.37 27.47
CA CYS C 202 5.62 30.22 27.03
C CYS C 202 5.76 30.07 25.52
N ASN C 203 6.09 28.85 25.09
CA ASN C 203 6.25 28.50 23.68
C ASN C 203 5.03 27.69 23.32
N VAL C 204 4.14 28.30 22.54
CA VAL C 204 2.95 27.64 22.02
C VAL C 204 3.21 27.32 20.56
N ASN C 205 2.92 26.09 20.16
CA ASN C 205 3.05 25.68 18.77
C ASN C 205 1.79 24.94 18.36
N HIS C 206 1.17 25.39 17.27
CA HIS C 206 0.01 24.76 16.66
C HIS C 206 0.43 24.47 15.22
N LYS C 207 0.76 23.21 14.94
CA LYS C 207 1.36 22.88 13.65
C LYS C 207 0.35 22.60 12.54
N PRO C 208 -0.94 22.38 12.82
CA PRO C 208 -1.91 22.48 11.72
C PRO C 208 -1.94 23.85 11.07
N SER C 209 -1.64 24.89 11.85
CA SER C 209 -1.50 26.25 11.34
C SER C 209 -0.05 26.65 11.09
N ASN C 210 0.91 25.89 11.64
CA ASN C 210 2.28 26.34 11.95
C ASN C 210 2.27 27.78 12.48
N THR C 211 1.62 27.93 13.64
CA THR C 211 1.75 29.12 14.46
C THR C 211 2.73 28.75 15.56
N LYS C 212 3.81 29.53 15.69
CA LYS C 212 4.81 29.33 16.71
C LYS C 212 4.97 30.67 17.42
N VAL C 213 4.56 30.76 18.67
CA VAL C 213 4.64 32.02 19.40
C VAL C 213 5.35 31.76 20.72
N ASP C 214 6.35 32.60 21.01
CA ASP C 214 7.03 32.60 22.29
C ASP C 214 6.70 33.93 22.98
N LYS C 215 5.90 33.86 24.04
CA LYS C 215 5.48 35.05 24.77
C LYS C 215 5.98 34.96 26.21
N ARG C 216 6.91 35.84 26.59
CA ARG C 216 7.16 36.07 28.01
C ARG C 216 5.95 36.75 28.66
N VAL C 217 5.68 36.38 29.91
CA VAL C 217 4.57 36.90 30.71
C VAL C 217 5.12 37.76 31.84
N GLU C 218 4.50 38.93 32.05
CA GLU C 218 4.97 39.95 33.00
C GLU C 218 6.43 40.30 32.77
N ASP D 1 -16.80 -11.11 16.70
CA ASP D 1 -15.49 -10.89 17.29
C ASP D 1 -15.54 -10.97 18.82
N ILE D 2 -14.41 -11.33 19.42
CA ILE D 2 -14.34 -11.57 20.85
C ILE D 2 -14.41 -10.26 21.62
N VAL D 3 -15.22 -10.24 22.68
CA VAL D 3 -15.47 -9.05 23.50
C VAL D 3 -14.73 -9.18 24.81
N MET D 4 -13.95 -8.16 25.16
CA MET D 4 -13.24 -8.10 26.42
C MET D 4 -13.92 -7.09 27.33
N THR D 5 -14.39 -7.57 28.48
CA THR D 5 -15.04 -6.72 29.48
C THR D 5 -14.15 -6.63 30.71
N GLN D 6 -13.74 -5.42 31.06
CA GLN D 6 -12.89 -5.16 32.21
C GLN D 6 -13.74 -4.75 33.40
N SER D 7 -13.30 -5.14 34.60
CA SER D 7 -14.01 -4.84 35.83
C SER D 7 -13.00 -4.49 36.93
N PRO D 8 -13.22 -3.39 37.67
CA PRO D 8 -14.29 -2.41 37.42
C PRO D 8 -13.90 -1.46 36.30
N SER D 9 -14.73 -0.46 36.01
CA SER D 9 -14.37 0.53 35.01
C SER D 9 -13.59 1.70 35.60
N SER D 10 -13.74 1.96 36.89
CA SER D 10 -12.92 2.93 37.60
C SER D 10 -12.65 2.42 39.01
N LEU D 11 -11.50 2.79 39.55
CA LEU D 11 -11.02 2.26 40.81
C LEU D 11 -10.17 3.29 41.52
N SER D 12 -10.29 3.32 42.85
CA SER D 12 -9.52 4.24 43.69
C SER D 12 -8.91 3.45 44.83
N ALA D 13 -7.64 3.70 45.11
CA ALA D 13 -6.90 2.93 46.10
C ALA D 13 -5.76 3.76 46.63
N SER D 14 -5.26 3.37 47.81
CA SER D 14 -4.23 4.12 48.50
C SER D 14 -2.84 3.57 48.20
N VAL D 15 -1.84 4.43 48.39
CA VAL D 15 -0.45 4.02 48.21
C VAL D 15 -0.14 2.84 49.12
N GLY D 16 0.46 1.80 48.55
CA GLY D 16 0.79 0.60 49.28
C GLY D 16 -0.26 -0.50 49.24
N ASP D 17 -1.46 -0.20 48.73
CA ASP D 17 -2.54 -1.18 48.67
C ASP D 17 -2.29 -2.22 47.59
N ARG D 18 -2.96 -3.37 47.75
CA ARG D 18 -3.04 -4.40 46.72
C ARG D 18 -4.23 -4.10 45.82
N VAL D 19 -4.00 -4.07 44.51
CA VAL D 19 -5.05 -3.73 43.56
C VAL D 19 -5.17 -4.85 42.53
N THR D 20 -6.41 -5.21 42.19
CA THR D 20 -6.72 -6.29 41.26
C THR D 20 -7.72 -5.79 40.24
N ILE D 21 -7.42 -5.98 38.97
CA ILE D 21 -8.33 -5.69 37.87
C ILE D 21 -8.63 -7.00 37.15
N THR D 22 -9.87 -7.19 36.73
CA THR D 22 -10.27 -8.42 36.08
C THR D 22 -10.66 -8.15 34.64
N CYS D 23 -10.32 -9.11 33.77
CA CYS D 23 -10.65 -9.08 32.36
C CYS D 23 -11.37 -10.37 32.04
N ARG D 24 -12.56 -10.27 31.45
CA ARG D 24 -13.34 -11.44 31.07
C ARG D 24 -13.58 -11.43 29.57
N ALA D 25 -13.41 -12.60 28.96
CA ALA D 25 -13.52 -12.74 27.51
C ALA D 25 -14.81 -13.47 27.17
N SER D 26 -15.46 -13.04 26.09
CA SER D 26 -16.70 -13.67 25.66
C SER D 26 -16.49 -15.12 25.21
N GLN D 27 -15.27 -15.48 24.80
CA GLN D 27 -14.93 -16.84 24.42
C GLN D 27 -13.62 -17.24 25.07
N ASN D 28 -13.26 -18.51 24.91
CA ASN D 28 -11.99 -19.00 25.41
C ASN D 28 -10.85 -18.42 24.56
N ILE D 29 -9.91 -17.75 25.22
CA ILE D 29 -8.73 -17.20 24.55
C ILE D 29 -7.44 -17.80 25.10
N GLU D 30 -7.54 -18.94 25.78
CA GLU D 30 -6.41 -19.60 26.42
C GLU D 30 -5.61 -18.62 27.27
N ARG D 31 -4.37 -18.33 26.88
CA ARG D 31 -3.58 -17.32 27.56
C ARG D 31 -3.09 -16.25 26.59
N TYR D 32 -3.81 -16.04 25.49
CA TYR D 32 -3.44 -15.01 24.52
C TYR D 32 -4.02 -13.66 24.95
N LEU D 33 -3.60 -13.22 26.14
CA LEU D 33 -4.09 -11.99 26.73
C LEU D 33 -2.91 -11.16 27.22
N ASN D 34 -2.91 -9.88 26.89
CA ASN D 34 -1.86 -8.96 27.30
C ASN D 34 -2.47 -7.79 28.06
N TRP D 35 -1.66 -7.19 28.92
CA TRP D 35 -2.04 -6.06 29.74
C TRP D 35 -1.14 -4.88 29.43
N TYR D 36 -1.75 -3.74 29.12
CA TYR D 36 -1.08 -2.50 28.81
C TYR D 36 -1.51 -1.40 29.78
N GLN D 37 -0.60 -0.47 30.04
CA GLN D 37 -0.85 0.69 30.88
C GLN D 37 -0.69 1.95 30.05
N GLN D 38 -1.62 2.89 30.20
CA GLN D 38 -1.58 4.15 29.48
C GLN D 38 -1.75 5.29 30.46
N LYS D 39 -0.74 6.10 30.59
CA LYS D 39 -0.83 7.35 31.33
C LYS D 39 -1.31 8.47 30.41
N PRO D 40 -1.96 9.50 30.95
CA PRO D 40 -2.55 10.55 30.10
C PRO D 40 -1.54 11.20 29.19
N GLY D 41 -1.90 11.30 27.91
CA GLY D 41 -1.07 11.92 26.89
C GLY D 41 0.21 11.18 26.55
N LYS D 42 0.38 9.96 27.04
CA LYS D 42 1.59 9.18 26.80
C LYS D 42 1.23 7.90 26.07
N ALA D 43 2.26 7.23 25.53
CA ALA D 43 2.04 6.00 24.80
C ALA D 43 1.68 4.86 25.76
N PRO D 44 0.78 3.97 25.36
CA PRO D 44 0.54 2.77 26.16
C PRO D 44 1.82 1.97 26.31
N LYS D 45 2.00 1.38 27.48
CA LYS D 45 3.19 0.61 27.82
C LYS D 45 2.78 -0.83 28.08
N LEU D 46 3.51 -1.77 27.49
CA LEU D 46 3.21 -3.18 27.70
C LEU D 46 3.69 -3.61 29.07
N LEU D 47 2.79 -4.17 29.87
CA LEU D 47 3.14 -4.71 31.17
C LEU D 47 3.20 -6.23 31.19
N ILE D 48 2.17 -6.89 30.65
CA ILE D 48 2.06 -8.34 30.73
C ILE D 48 1.75 -8.91 29.36
N TYR D 49 2.41 -10.02 29.01
CA TYR D 49 2.08 -10.77 27.81
C TYR D 49 1.93 -12.25 28.17
N ALA D 50 1.16 -12.96 27.35
CA ALA D 50 0.87 -14.38 27.58
C ALA D 50 0.26 -14.59 28.97
N ALA D 51 -0.66 -13.70 29.35
CA ALA D 51 -1.46 -13.79 30.57
C ALA D 51 -0.64 -13.56 31.84
N SER D 52 0.55 -14.17 31.96
CA SER D 52 1.26 -14.16 33.24
C SER D 52 2.73 -13.78 33.14
N SER D 53 3.26 -13.47 31.96
CA SER D 53 4.67 -13.16 31.82
C SER D 53 4.87 -11.64 31.83
N LEU D 54 5.89 -11.20 32.56
CA LEU D 54 6.10 -9.79 32.84
C LEU D 54 7.11 -9.23 31.86
N GLN D 55 6.80 -8.09 31.26
CA GLN D 55 7.70 -7.49 30.28
C GLN D 55 8.94 -6.96 30.97
N SER D 56 10.08 -7.05 30.29
CA SER D 56 11.34 -6.66 30.90
C SER D 56 11.39 -5.15 31.06
N GLY D 57 11.86 -4.71 32.23
CA GLY D 57 11.85 -3.30 32.57
C GLY D 57 10.63 -2.83 33.32
N VAL D 58 9.67 -3.70 33.57
CA VAL D 58 8.43 -3.36 34.30
C VAL D 58 8.61 -3.82 35.73
N PRO D 59 8.25 -3.00 36.73
CA PRO D 59 8.49 -3.37 38.12
C PRO D 59 7.82 -4.69 38.48
N SER D 60 8.43 -5.39 39.44
CA SER D 60 7.92 -6.70 39.83
C SER D 60 6.58 -6.61 40.57
N ARG D 61 6.17 -5.43 41.00
CA ARG D 61 4.89 -5.30 41.68
C ARG D 61 3.71 -5.53 40.73
N PHE D 62 3.94 -5.49 39.42
CA PHE D 62 2.92 -5.84 38.44
C PHE D 62 2.99 -7.34 38.17
N SER D 63 1.84 -8.01 38.20
CA SER D 63 1.84 -9.40 37.75
C SER D 63 0.45 -9.77 37.31
N GLY D 64 0.38 -10.72 36.37
CA GLY D 64 -0.88 -11.13 35.79
C GLY D 64 -1.08 -12.63 35.91
N SER D 65 -2.34 -13.04 35.96
CA SER D 65 -2.66 -14.45 36.01
C SER D 65 -4.01 -14.68 35.32
N GLY D 66 -4.35 -15.95 35.13
CA GLY D 66 -5.63 -16.32 34.57
C GLY D 66 -5.50 -17.09 33.27
N SER D 67 -6.64 -17.59 32.82
CA SER D 67 -6.62 -18.44 31.62
C SER D 67 -8.04 -18.71 31.16
N GLY D 68 -8.19 -18.88 29.86
CA GLY D 68 -9.48 -19.17 29.24
C GLY D 68 -10.33 -17.93 29.08
N THR D 69 -11.22 -17.70 30.04
CA THR D 69 -12.14 -16.57 30.00
C THR D 69 -11.80 -15.47 30.98
N ASP D 70 -11.22 -15.80 32.14
CA ASP D 70 -11.01 -14.83 33.22
C ASP D 70 -9.53 -14.68 33.52
N PHE D 71 -9.12 -13.41 33.70
CA PHE D 71 -7.74 -13.04 33.99
C PHE D 71 -7.74 -11.88 34.97
N THR D 72 -6.67 -11.76 35.75
CA THR D 72 -6.52 -10.67 36.70
C THR D 72 -5.12 -10.08 36.61
N LEU D 73 -5.05 -8.75 36.51
CA LEU D 73 -3.82 -7.98 36.66
C LEU D 73 -3.78 -7.38 38.05
N THR D 74 -2.75 -7.70 38.82
CA THR D 74 -2.63 -7.20 40.19
C THR D 74 -1.33 -6.43 40.38
N ILE D 75 -1.44 -5.32 41.09
CA ILE D 75 -0.30 -4.53 41.56
C ILE D 75 -0.23 -4.67 43.08
N SER D 76 0.89 -5.21 43.57
CA SER D 76 0.97 -5.62 44.97
C SER D 76 1.17 -4.43 45.93
N SER D 77 1.79 -3.35 45.47
CA SER D 77 1.90 -2.13 46.27
C SER D 77 1.75 -0.93 45.35
N LEU D 78 0.61 -0.26 45.44
CA LEU D 78 0.31 0.85 44.56
C LEU D 78 1.17 2.05 44.90
N GLN D 79 1.61 2.76 43.88
CA GLN D 79 2.49 3.91 44.02
C GLN D 79 1.94 5.05 43.18
N PRO D 80 2.35 6.30 43.47
CA PRO D 80 1.65 7.44 42.85
C PRO D 80 1.72 7.46 41.33
N GLU D 81 2.81 6.97 40.73
CA GLU D 81 2.95 7.02 39.29
C GLU D 81 2.10 5.96 38.57
N ASP D 82 1.44 5.07 39.30
CA ASP D 82 0.62 4.04 38.69
C ASP D 82 -0.78 4.50 38.34
N PHE D 83 -1.15 5.73 38.68
CA PHE D 83 -2.39 6.30 38.17
C PHE D 83 -2.37 6.22 36.66
N ALA D 84 -3.39 5.60 36.07
CA ALA D 84 -3.35 5.34 34.63
C ALA D 84 -4.69 4.77 34.19
N THR D 85 -4.74 4.30 32.95
CA THR D 85 -5.82 3.46 32.47
C THR D 85 -5.18 2.16 32.00
N TYR D 86 -5.73 1.03 32.45
CA TYR D 86 -5.18 -0.28 32.14
C TYR D 86 -6.10 -1.00 31.18
N TYR D 87 -5.53 -1.58 30.13
CA TYR D 87 -6.29 -2.25 29.08
C TYR D 87 -5.81 -3.70 28.95
N CYS D 88 -6.74 -4.63 28.88
CA CYS D 88 -6.42 -5.98 28.44
C CYS D 88 -6.74 -6.12 26.96
N GLN D 89 -5.99 -6.98 26.28
CA GLN D 89 -6.11 -7.17 24.83
C GLN D 89 -5.91 -8.63 24.50
N GLN D 90 -6.79 -9.19 23.69
CA GLN D 90 -6.72 -10.60 23.34
C GLN D 90 -6.08 -10.79 21.96
N SER D 91 -5.35 -11.89 21.81
CA SER D 91 -4.68 -12.26 20.57
C SER D 91 -4.93 -13.73 20.26
N ALA D 92 -6.17 -14.17 20.43
CA ALA D 92 -6.47 -15.60 20.33
C ALA D 92 -6.38 -16.10 18.90
N SER D 93 -6.92 -15.35 17.94
CA SER D 93 -6.99 -15.79 16.55
C SER D 93 -5.62 -15.89 15.91
N SER D 94 -5.49 -16.84 14.97
CA SER D 94 -4.26 -16.95 14.18
C SER D 94 -4.11 -15.77 13.23
N THR D 95 -5.19 -15.29 12.72
CA THR D 95 -5.17 -14.07 11.93
C THR D 95 -5.52 -12.87 12.81
N PRO D 96 -4.95 -11.71 12.52
CA PRO D 96 -5.12 -10.57 13.44
C PRO D 96 -6.56 -10.08 13.53
N GLU D 97 -7.16 -10.23 14.71
CA GLU D 97 -8.45 -9.62 15.00
C GLU D 97 -8.42 -9.23 16.48
N TYR D 98 -7.36 -8.49 16.86
CA TYR D 98 -7.19 -8.10 18.25
C TYR D 98 -8.33 -7.19 18.69
N THR D 99 -8.74 -7.35 19.95
CA THR D 99 -9.67 -6.45 20.58
C THR D 99 -9.15 -6.11 21.97
N PHE D 100 -9.56 -4.94 22.46
CA PHE D 100 -9.15 -4.44 23.76
C PHE D 100 -10.36 -4.41 24.67
N GLY D 101 -10.10 -4.42 25.98
CA GLY D 101 -11.14 -4.05 26.91
C GLY D 101 -11.38 -2.57 26.79
N GLN D 102 -12.36 -2.08 27.56
CA GLN D 102 -12.68 -0.66 27.54
C GLN D 102 -11.94 0.11 28.62
N GLY D 103 -10.93 -0.52 29.24
CA GLY D 103 -10.06 0.17 30.17
C GLY D 103 -10.59 0.32 31.59
N THR D 104 -9.68 0.23 32.55
CA THR D 104 -9.98 0.50 33.95
C THR D 104 -9.09 1.68 34.37
N LYS D 105 -9.71 2.76 34.83
CA LYS D 105 -8.94 3.92 35.24
C LYS D 105 -8.61 3.79 36.72
N LEU D 106 -7.33 3.83 37.04
CA LEU D 106 -6.81 3.64 38.38
C LEU D 106 -6.34 4.99 38.89
N GLU D 107 -7.02 5.47 39.93
CA GLU D 107 -6.78 6.75 40.57
C GLU D 107 -6.27 6.53 41.98
N ILE D 108 -5.42 7.45 42.45
CA ILE D 108 -4.78 7.35 43.75
C ILE D 108 -5.63 8.05 44.80
N LYS D 109 -5.83 7.38 45.94
CA LYS D 109 -6.44 8.01 47.10
C LYS D 109 -5.35 8.59 47.99
N ARG D 110 -5.58 9.80 48.50
CA ARG D 110 -4.60 10.50 49.31
C ARG D 110 -5.34 11.39 50.29
N THR D 111 -4.57 12.13 51.09
CA THR D 111 -5.15 13.05 52.06
C THR D 111 -5.76 14.26 51.36
N VAL D 112 -6.76 14.85 52.01
CA VAL D 112 -7.37 16.06 51.49
C VAL D 112 -6.35 17.18 51.40
N ALA D 113 -6.42 17.95 50.32
CA ALA D 113 -5.54 19.09 50.11
C ALA D 113 -6.36 20.24 49.55
N ALA D 114 -6.28 21.39 50.19
CA ALA D 114 -7.04 22.54 49.74
C ALA D 114 -6.36 23.20 48.54
N PRO D 115 -7.13 23.69 47.58
CA PRO D 115 -6.51 24.34 46.42
C PRO D 115 -6.01 25.73 46.73
N SER D 116 -4.91 26.10 46.07
CA SER D 116 -4.50 27.50 46.03
C SER D 116 -5.26 28.18 44.89
N VAL D 117 -5.96 29.26 45.21
CA VAL D 117 -6.83 29.94 44.26
C VAL D 117 -6.14 31.20 43.76
N PHE D 118 -6.15 31.40 42.44
CA PHE D 118 -5.61 32.59 41.79
C PHE D 118 -6.62 33.10 40.78
N ILE D 119 -6.54 34.39 40.46
CA ILE D 119 -7.41 35.02 39.48
C ILE D 119 -6.58 35.87 38.54
N PHE D 120 -6.91 35.81 37.25
CA PHE D 120 -6.22 36.56 36.20
C PHE D 120 -7.24 37.38 35.43
N PRO D 121 -7.12 38.71 35.45
CA PRO D 121 -8.01 39.56 34.67
C PRO D 121 -7.66 39.47 33.19
N PRO D 122 -8.55 39.93 32.30
CA PRO D 122 -8.25 39.83 30.87
C PRO D 122 -7.04 40.66 30.48
N SER D 123 -6.11 40.00 29.78
CA SER D 123 -5.06 40.65 29.01
C SER D 123 -5.56 41.90 28.31
N ASP D 124 -4.73 42.95 28.34
CA ASP D 124 -4.97 44.10 27.48
C ASP D 124 -4.86 43.74 26.00
N GLU D 125 -4.02 42.75 25.68
CA GLU D 125 -3.88 42.32 24.30
C GLU D 125 -5.17 41.68 23.80
N GLN D 126 -5.79 40.85 24.64
CA GLN D 126 -7.10 40.33 24.27
C GLN D 126 -8.16 41.42 24.24
N LEU D 127 -7.95 42.50 24.99
CA LEU D 127 -8.91 43.60 24.99
C LEU D 127 -8.80 44.53 23.80
N LYS D 128 -7.70 44.49 23.03
CA LYS D 128 -7.80 45.15 21.74
C LYS D 128 -8.28 44.22 20.65
N SER D 129 -8.77 43.03 21.01
CA SER D 129 -9.42 42.11 20.09
C SER D 129 -10.92 42.02 20.35
N GLY D 130 -11.45 42.82 21.26
CA GLY D 130 -12.89 42.90 21.49
C GLY D 130 -13.46 41.87 22.43
N THR D 131 -12.63 41.05 23.08
CA THR D 131 -13.09 40.02 23.99
C THR D 131 -12.30 40.08 25.28
N ALA D 132 -12.88 39.50 26.33
CA ALA D 132 -12.24 39.47 27.64
C ALA D 132 -12.42 38.09 28.24
N SER D 133 -11.33 37.48 28.69
CA SER D 133 -11.38 36.20 29.36
C SER D 133 -10.76 36.34 30.74
N VAL D 134 -11.57 36.08 31.77
CA VAL D 134 -11.13 36.07 33.16
C VAL D 134 -10.87 34.61 33.54
N VAL D 135 -9.68 34.32 34.04
CA VAL D 135 -9.31 32.95 34.35
C VAL D 135 -9.19 32.79 35.86
N CYS D 136 -9.79 31.73 36.39
CA CYS D 136 -9.70 31.37 37.80
C CYS D 136 -9.00 30.03 37.89
N LEU D 137 -8.01 29.95 38.77
CA LEU D 137 -7.11 28.81 38.85
C LEU D 137 -7.22 28.18 40.23
N LEU D 138 -7.45 26.87 40.25
CA LEU D 138 -7.39 26.06 41.47
C LEU D 138 -6.19 25.14 41.33
N ASN D 139 -5.23 25.26 42.24
CA ASN D 139 -3.95 24.57 42.12
C ASN D 139 -3.81 23.52 43.22
N ASN D 140 -3.48 22.30 42.80
CA ASN D 140 -3.00 21.20 43.65
C ASN D 140 -3.95 20.93 44.82
N PHE D 141 -5.08 20.30 44.49
CA PHE D 141 -6.08 19.94 45.48
C PHE D 141 -6.50 18.49 45.30
N TYR D 142 -7.19 17.97 46.32
CA TYR D 142 -7.79 16.65 46.32
C TYR D 142 -8.88 16.67 47.36
N PRO D 143 -10.06 16.07 47.10
CA PRO D 143 -10.45 15.34 45.89
C PRO D 143 -10.73 16.24 44.69
N ARG D 144 -11.07 15.59 43.57
CA ARG D 144 -11.27 16.31 42.31
C ARG D 144 -12.51 17.19 42.33
N GLU D 145 -13.48 16.88 43.17
CA GLU D 145 -14.75 17.61 43.23
C GLU D 145 -14.52 18.99 43.85
N ALA D 146 -14.53 20.03 43.00
CA ALA D 146 -14.43 21.40 43.45
C ALA D 146 -15.54 22.24 42.82
N LYS D 147 -15.86 23.36 43.46
CA LYS D 147 -16.97 24.21 43.07
C LYS D 147 -16.44 25.60 42.75
N VAL D 148 -16.59 26.03 41.51
CA VAL D 148 -16.17 27.37 41.09
C VAL D 148 -17.40 28.14 40.64
N GLN D 149 -17.74 29.21 41.36
CA GLN D 149 -18.83 30.10 40.98
C GLN D 149 -18.29 31.46 40.62
N TRP D 150 -18.58 31.92 39.41
CA TRP D 150 -18.23 33.28 39.02
C TRP D 150 -19.32 34.23 39.50
N LYS D 151 -18.88 35.41 39.97
CA LYS D 151 -19.81 36.48 40.32
C LYS D 151 -19.27 37.79 39.76
N VAL D 152 -20.13 38.49 39.04
CA VAL D 152 -19.80 39.76 38.41
C VAL D 152 -20.67 40.82 39.07
N ASP D 153 -20.05 41.67 39.89
CA ASP D 153 -20.76 42.57 40.81
C ASP D 153 -21.76 41.77 41.64
N ASN D 154 -21.29 40.66 42.20
CA ASN D 154 -22.05 39.77 43.08
C ASN D 154 -23.21 39.09 42.37
N ALA D 155 -23.32 39.23 41.06
CA ALA D 155 -24.34 38.55 40.29
C ALA D 155 -23.77 37.22 39.79
N LEU D 156 -24.39 36.12 40.19
CA LEU D 156 -23.94 34.80 39.77
C LEU D 156 -23.99 34.66 38.25
N GLN D 157 -22.89 34.20 37.66
CA GLN D 157 -22.82 33.98 36.22
C GLN D 157 -23.18 32.53 35.89
N SER D 158 -23.86 32.35 34.75
CA SER D 158 -24.29 31.04 34.32
C SER D 158 -24.20 30.96 32.80
N GLY D 159 -23.60 29.88 32.30
CA GLY D 159 -23.52 29.61 30.89
C GLY D 159 -22.39 30.27 30.13
N ASN D 160 -21.66 31.20 30.74
CA ASN D 160 -20.57 31.89 30.07
C ASN D 160 -19.21 31.52 30.62
N SER D 161 -19.12 30.39 31.32
CA SER D 161 -17.87 29.90 31.87
C SER D 161 -17.71 28.41 31.54
N GLN D 162 -16.46 28.00 31.33
CA GLN D 162 -16.15 26.57 31.18
C GLN D 162 -14.93 26.20 32.02
N GLU D 163 -14.86 24.91 32.36
CA GLU D 163 -13.84 24.40 33.28
C GLU D 163 -13.09 23.25 32.64
N SER D 164 -11.82 23.16 32.95
CA SER D 164 -10.95 22.07 32.53
C SER D 164 -10.19 21.56 33.75
N VAL D 165 -10.11 20.24 33.88
CA VAL D 165 -9.42 19.61 35.00
C VAL D 165 -8.29 18.76 34.46
N THR D 166 -7.10 18.93 35.04
CA THR D 166 -5.99 18.04 34.72
C THR D 166 -6.25 16.65 35.27
N GLU D 167 -5.53 15.68 34.73
CA GLU D 167 -5.56 14.35 35.31
C GLU D 167 -4.63 14.32 36.51
N GLN D 168 -4.74 13.24 37.30
CA GLN D 168 -4.06 13.19 38.58
C GLN D 168 -2.56 13.31 38.40
N ASP D 169 -1.95 14.24 39.14
CA ASP D 169 -0.51 14.42 39.08
C ASP D 169 0.20 13.14 39.54
N SER D 170 1.28 12.79 38.85
CA SER D 170 1.95 11.52 39.07
C SER D 170 2.88 11.52 40.27
N LYS D 171 3.02 12.63 40.99
CA LYS D 171 3.90 12.68 42.16
C LYS D 171 3.14 12.89 43.46
N ASP D 172 2.25 13.88 43.53
CA ASP D 172 1.50 14.19 44.74
C ASP D 172 0.03 13.85 44.65
N SER D 173 -0.43 13.27 43.53
CA SER D 173 -1.80 12.78 43.36
C SER D 173 -2.85 13.88 43.54
N THR D 174 -2.53 15.10 43.14
CA THR D 174 -3.48 16.22 43.22
C THR D 174 -4.07 16.53 41.85
N TYR D 175 -5.09 17.38 41.86
CA TYR D 175 -5.74 17.89 40.66
C TYR D 175 -5.57 19.40 40.59
N SER D 176 -5.80 19.95 39.40
CA SER D 176 -5.84 21.39 39.21
C SER D 176 -6.93 21.72 38.20
N LEU D 177 -7.52 22.90 38.34
CA LEU D 177 -8.66 23.30 37.55
C LEU D 177 -8.47 24.70 36.99
N SER D 178 -8.87 24.87 35.74
CA SER D 178 -8.83 26.15 35.03
C SER D 178 -10.24 26.50 34.60
N SER D 179 -10.76 27.62 35.09
CA SER D 179 -12.09 28.09 34.72
C SER D 179 -11.99 29.40 33.96
N THR D 180 -12.56 29.44 32.78
CA THR D 180 -12.50 30.61 31.91
C THR D 180 -13.91 31.18 31.77
N LEU D 181 -14.06 32.46 32.15
CA LEU D 181 -15.29 33.22 31.95
C LEU D 181 -15.03 34.22 30.83
N THR D 182 -15.80 34.14 29.76
CA THR D 182 -15.60 34.94 28.57
C THR D 182 -16.76 35.92 28.40
N LEU D 183 -16.42 37.19 28.16
CA LEU D 183 -17.40 38.22 27.88
C LEU D 183 -16.95 39.04 26.67
N SER D 184 -17.91 39.57 25.94
CA SER D 184 -17.66 40.75 25.10
C SER D 184 -16.88 41.79 25.89
N LYS D 185 -16.01 42.55 25.22
CA LYS D 185 -15.38 43.68 25.90
C LYS D 185 -16.41 44.74 26.28
N ALA D 186 -17.50 44.84 25.52
CA ALA D 186 -18.56 45.77 25.86
C ALA D 186 -19.23 45.39 27.18
N ASP D 187 -19.56 44.11 27.35
CA ASP D 187 -20.18 43.67 28.60
C ASP D 187 -19.14 43.39 29.68
N TYR D 188 -17.86 43.36 29.34
CA TYR D 188 -16.82 43.42 30.35
C TYR D 188 -16.78 44.79 31.00
N GLU D 189 -16.77 45.84 30.17
CA GLU D 189 -16.67 47.21 30.66
C GLU D 189 -17.93 47.67 31.40
N LYS D 190 -18.99 46.86 31.42
CA LYS D 190 -20.23 47.27 32.07
C LYS D 190 -20.20 47.06 33.57
N HIS D 191 -19.32 46.21 34.09
CA HIS D 191 -19.27 45.89 35.51
C HIS D 191 -17.90 46.26 36.09
N LYS D 192 -17.82 46.25 37.42
CA LYS D 192 -16.64 46.71 38.12
C LYS D 192 -15.80 45.57 38.69
N VAL D 193 -16.38 44.72 39.53
CA VAL D 193 -15.61 43.73 40.27
C VAL D 193 -15.99 42.32 39.81
N TYR D 194 -14.97 41.49 39.61
CA TYR D 194 -15.11 40.12 39.13
C TYR D 194 -14.51 39.22 40.18
N ALA D 195 -15.25 38.20 40.59
CA ALA D 195 -14.79 37.31 41.64
C ALA D 195 -15.08 35.87 41.26
N CYS D 196 -14.18 34.97 41.63
CA CYS D 196 -14.48 33.55 41.59
C CYS D 196 -14.45 33.02 43.02
N GLU D 197 -15.53 32.34 43.39
CA GLU D 197 -15.70 31.78 44.73
C GLU D 197 -15.63 30.26 44.63
N VAL D 198 -14.67 29.68 45.34
CA VAL D 198 -14.36 28.26 45.24
C VAL D 198 -14.76 27.59 46.55
N THR D 199 -15.46 26.47 46.43
CA THR D 199 -15.85 25.62 47.55
C THR D 199 -15.22 24.25 47.35
N HIS D 200 -14.48 23.79 48.35
CA HIS D 200 -13.81 22.52 48.28
C HIS D 200 -13.80 21.88 49.66
N GLN D 201 -13.67 20.55 49.67
CA GLN D 201 -13.68 19.80 50.93
C GLN D 201 -12.60 20.31 51.87
N GLY D 202 -11.42 20.63 51.35
CA GLY D 202 -10.33 21.07 52.18
C GLY D 202 -10.38 22.50 52.64
N LEU D 203 -11.47 23.22 52.36
CA LEU D 203 -11.62 24.62 52.73
C LEU D 203 -12.70 24.73 53.80
N SER D 204 -12.35 25.33 54.94
CA SER D 204 -13.33 25.62 55.98
C SER D 204 -14.57 26.30 55.40
N SER D 205 -14.36 27.42 54.70
CA SER D 205 -15.41 28.24 54.12
C SER D 205 -15.00 28.58 52.68
N PRO D 206 -15.97 28.81 51.77
CA PRO D 206 -15.63 29.28 50.42
C PRO D 206 -14.58 30.39 50.35
N VAL D 207 -13.66 30.26 49.39
CA VAL D 207 -12.55 31.20 49.20
C VAL D 207 -12.82 31.97 47.91
N THR D 208 -12.91 33.29 48.01
CA THR D 208 -13.19 34.13 46.86
C THR D 208 -11.95 34.94 46.50
N LYS D 209 -11.60 34.94 45.23
CA LYS D 209 -10.55 35.81 44.70
C LYS D 209 -11.20 36.82 43.76
N SER D 210 -10.88 38.09 43.96
CA SER D 210 -11.61 39.19 43.34
C SER D 210 -10.65 40.23 42.77
N PHE D 211 -11.11 40.93 41.75
CA PHE D 211 -10.39 42.09 41.24
C PHE D 211 -11.38 43.13 40.73
N ASN D 212 -10.94 44.38 40.69
CA ASN D 212 -11.72 45.48 40.14
C ASN D 212 -11.19 45.81 38.75
N ARG D 213 -12.09 45.94 37.78
CA ARG D 213 -11.69 46.28 36.42
C ARG D 213 -10.86 47.55 36.41
N GLY D 214 -9.62 47.43 35.95
CA GLY D 214 -8.68 48.53 35.95
C GLY D 214 -8.04 48.82 37.30
N GLU D 215 -8.02 47.83 38.20
CA GLU D 215 -7.34 47.91 39.51
C GLU D 215 -8.03 48.90 40.44
N GLU E 1 -10.34 17.75 -19.61
CA GLU E 1 -9.22 17.13 -20.33
C GLU E 1 -8.41 16.32 -19.25
N VAL E 2 -7.83 15.21 -19.71
CA VAL E 2 -7.25 14.17 -18.87
C VAL E 2 -5.78 14.10 -19.18
N GLN E 3 -4.98 13.82 -18.13
CA GLN E 3 -3.56 13.63 -18.27
C GLN E 3 -3.09 12.91 -17.02
N LEU E 4 -1.99 12.18 -17.17
CA LEU E 4 -1.32 11.54 -16.04
C LEU E 4 0.13 11.98 -16.06
N VAL E 5 0.61 12.52 -14.94
CA VAL E 5 1.97 13.04 -14.84
C VAL E 5 2.69 12.28 -13.75
N GLU E 6 3.76 11.58 -14.12
CA GLU E 6 4.55 10.83 -13.16
C GLU E 6 5.69 11.68 -12.61
N SER E 7 6.12 11.33 -11.40
CA SER E 7 7.23 12.02 -10.74
C SER E 7 7.73 11.15 -9.60
N GLY E 8 8.81 11.60 -8.97
CA GLY E 8 9.45 10.87 -7.91
C GLY E 8 10.62 10.02 -8.33
N GLY E 9 10.80 9.82 -9.64
CA GLY E 9 11.91 9.03 -10.11
C GLY E 9 13.24 9.73 -9.91
N GLY E 10 14.30 8.92 -9.90
CA GLY E 10 15.64 9.44 -9.75
C GLY E 10 16.67 8.34 -9.57
N LEU E 11 17.67 8.59 -8.73
CA LEU E 11 18.72 7.62 -8.46
C LEU E 11 18.46 6.97 -7.11
N VAL E 12 18.59 5.65 -7.05
CA VAL E 12 18.39 4.87 -5.84
C VAL E 12 19.56 3.91 -5.67
N GLN E 13 20.06 3.79 -4.46
CA GLN E 13 21.11 2.82 -4.20
C GLN E 13 20.53 1.41 -4.18
N PRO E 14 21.30 0.41 -4.61
CA PRO E 14 20.80 -0.97 -4.59
C PRO E 14 20.37 -1.38 -3.18
N GLY E 15 19.18 -1.97 -3.10
CA GLY E 15 18.55 -2.29 -1.84
C GLY E 15 17.68 -1.20 -1.26
N GLY E 16 17.72 0.01 -1.82
CA GLY E 16 16.97 1.12 -1.31
C GLY E 16 15.51 1.10 -1.71
N SER E 17 14.82 2.18 -1.34
CA SER E 17 13.39 2.32 -1.59
C SER E 17 13.14 3.62 -2.35
N LEU E 18 11.94 3.72 -2.94
CA LEU E 18 11.53 4.95 -3.60
C LEU E 18 10.02 4.89 -3.86
N ARG E 19 9.37 6.05 -3.78
CA ARG E 19 7.92 6.17 -3.92
C ARG E 19 7.63 6.97 -5.18
N LEU E 20 7.05 6.32 -6.18
CA LEU E 20 6.66 6.98 -7.42
C LEU E 20 5.24 7.53 -7.29
N SER E 21 5.04 8.73 -7.82
CA SER E 21 3.75 9.39 -7.81
C SER E 21 3.26 9.55 -9.25
N CYS E 22 1.94 9.50 -9.43
CA CYS E 22 1.30 9.74 -10.72
C CYS E 22 0.05 10.57 -10.46
N ALA E 23 0.14 11.87 -10.72
CA ALA E 23 -0.97 12.78 -10.52
C ALA E 23 -1.89 12.75 -11.74
N ALA E 24 -3.18 12.60 -11.48
CA ALA E 24 -4.18 12.50 -12.55
C ALA E 24 -5.01 13.76 -12.61
N SER E 25 -5.36 14.17 -13.82
CA SER E 25 -6.32 15.24 -14.05
C SER E 25 -7.34 14.72 -15.04
N GLY E 26 -8.62 14.85 -14.70
CA GLY E 26 -9.62 14.24 -15.54
C GLY E 26 -10.17 13.01 -14.86
N PHE E 27 -9.43 11.90 -14.94
CA PHE E 27 -9.83 10.72 -14.21
C PHE E 27 -9.67 10.94 -12.71
N THR E 28 -10.55 10.29 -11.94
CA THR E 28 -10.38 10.18 -10.51
C THR E 28 -9.76 8.82 -10.22
N VAL E 29 -8.58 8.82 -9.60
CA VAL E 29 -7.85 7.58 -9.39
C VAL E 29 -8.68 6.59 -8.55
N GLY E 30 -9.50 7.11 -7.63
CA GLY E 30 -10.27 6.23 -6.76
C GLY E 30 -11.25 5.36 -7.50
N TRP E 31 -11.82 5.86 -8.61
CA TRP E 31 -12.88 5.16 -9.31
C TRP E 31 -12.40 4.45 -10.58
N ASN E 32 -11.10 4.34 -10.79
CA ASN E 32 -10.57 3.78 -12.02
C ASN E 32 -9.69 2.57 -11.73
N TYR E 33 -9.64 1.65 -12.68
CA TYR E 33 -8.55 0.68 -12.70
C TYR E 33 -7.26 1.40 -13.08
N MET E 34 -6.23 1.27 -12.25
CA MET E 34 -4.96 1.92 -12.52
C MET E 34 -3.85 0.88 -12.58
N SER E 35 -2.82 1.17 -13.35
CA SER E 35 -1.73 0.22 -13.49
C SER E 35 -0.38 0.92 -13.56
N TRP E 36 0.64 0.22 -13.11
CA TRP E 36 2.04 0.58 -13.30
C TRP E 36 2.68 -0.43 -14.23
N VAL E 37 3.35 0.06 -15.26
CA VAL E 37 4.06 -0.71 -16.26
C VAL E 37 5.47 -0.15 -16.38
N ARG E 38 6.48 -1.00 -16.35
CA ARG E 38 7.85 -0.51 -16.49
C ARG E 38 8.50 -1.04 -17.76
N GLN E 39 9.54 -0.34 -18.18
CA GLN E 39 10.28 -0.66 -19.39
C GLN E 39 11.76 -0.37 -19.14
N ALA E 40 12.57 -1.42 -19.09
CA ALA E 40 14.00 -1.23 -18.90
C ALA E 40 14.59 -0.54 -20.12
N PRO E 41 15.67 0.24 -19.92
CA PRO E 41 16.26 0.98 -21.04
C PRO E 41 16.65 0.07 -22.19
N GLY E 42 16.10 0.34 -23.37
CA GLY E 42 16.38 -0.45 -24.56
C GLY E 42 15.65 -1.77 -24.64
N LYS E 43 14.76 -2.08 -23.69
CA LYS E 43 14.02 -3.32 -23.68
C LYS E 43 12.54 -3.05 -23.89
N GLY E 44 11.70 -4.03 -23.54
CA GLY E 44 10.28 -3.99 -23.84
C GLY E 44 9.44 -3.60 -22.64
N LEU E 45 8.13 -3.59 -22.88
CA LEU E 45 7.19 -3.24 -21.83
C LEU E 45 6.96 -4.41 -20.88
N GLU E 46 6.91 -4.11 -19.58
CA GLU E 46 6.64 -5.13 -18.57
C GLU E 46 5.65 -4.55 -17.58
N TRP E 47 4.50 -5.19 -17.46
CA TRP E 47 3.50 -4.82 -16.47
C TRP E 47 4.05 -5.04 -15.07
N VAL E 48 3.80 -4.08 -14.16
CA VAL E 48 4.26 -4.15 -12.77
C VAL E 48 3.13 -4.49 -11.82
N SER E 49 2.06 -3.68 -11.80
CA SER E 49 0.98 -3.96 -10.86
C SER E 49 -0.28 -3.22 -11.29
N VAL E 50 -1.40 -3.56 -10.65
CA VAL E 50 -2.72 -3.01 -10.97
C VAL E 50 -3.54 -2.89 -9.70
N ILE E 51 -4.31 -1.80 -9.59
CA ILE E 51 -5.24 -1.58 -8.50
C ILE E 51 -6.64 -1.39 -9.07
N TYR E 52 -7.61 -2.08 -8.48
CA TYR E 52 -9.01 -2.03 -8.87
C TYR E 52 -9.69 -0.82 -8.23
N PRO E 53 -10.83 -0.41 -8.78
CA PRO E 53 -11.57 0.72 -8.14
C PRO E 53 -11.98 0.42 -6.71
N GLY E 54 -12.34 -0.83 -6.40
CA GLY E 54 -12.70 -1.18 -5.04
C GLY E 54 -11.53 -1.30 -4.08
N GLY E 55 -10.30 -1.17 -4.58
CA GLY E 55 -9.10 -1.19 -3.76
C GLY E 55 -8.25 -2.43 -3.89
N THR E 56 -8.75 -3.48 -4.53
CA THR E 56 -7.98 -4.72 -4.62
C THR E 56 -6.75 -4.53 -5.51
N THR E 57 -5.64 -5.13 -5.09
CA THR E 57 -4.37 -4.96 -5.77
C THR E 57 -3.89 -6.30 -6.33
N PHE E 58 -3.09 -6.22 -7.39
CA PHE E 58 -2.46 -7.37 -8.01
C PHE E 58 -1.07 -6.96 -8.46
N TYR E 59 -0.10 -7.86 -8.32
CA TYR E 59 1.29 -7.55 -8.58
C TYR E 59 1.86 -8.63 -9.49
N ALA E 60 2.78 -8.22 -10.36
CA ALA E 60 3.58 -9.20 -11.09
C ALA E 60 4.54 -9.88 -10.12
N ASP E 61 4.87 -11.14 -10.43
CA ASP E 61 5.68 -11.92 -9.49
C ASP E 61 7.13 -11.45 -9.44
N SER E 62 7.57 -10.66 -10.44
CA SER E 62 8.88 -10.01 -10.33
C SER E 62 8.96 -9.10 -9.11
N VAL E 63 7.85 -8.46 -8.74
CA VAL E 63 7.86 -7.38 -7.78
C VAL E 63 7.03 -7.69 -6.54
N LYS E 64 6.49 -8.90 -6.42
CA LYS E 64 5.66 -9.20 -5.27
C LYS E 64 6.50 -9.25 -4.01
N GLY E 65 5.95 -8.70 -2.92
CA GLY E 65 6.67 -8.57 -1.67
C GLY E 65 7.63 -7.41 -1.60
N ARG E 66 7.85 -6.69 -2.71
CA ARG E 66 8.72 -5.53 -2.74
C ARG E 66 8.02 -4.25 -3.15
N PHE E 67 7.00 -4.32 -4.00
CA PHE E 67 6.27 -3.17 -4.48
C PHE E 67 4.85 -3.21 -3.92
N THR E 68 4.31 -2.03 -3.62
CA THR E 68 2.92 -1.89 -3.21
C THR E 68 2.31 -0.68 -3.90
N ILE E 69 1.08 -0.83 -4.37
CA ILE E 69 0.39 0.25 -5.07
C ILE E 69 -0.67 0.82 -4.12
N SER E 70 -0.85 2.14 -4.18
CA SER E 70 -1.77 2.82 -3.29
C SER E 70 -2.29 4.08 -3.98
N ARG E 71 -3.22 4.77 -3.33
CA ARG E 71 -3.88 5.93 -3.92
C ARG E 71 -4.20 6.94 -2.83
N ASP E 72 -4.23 8.22 -3.23
CA ASP E 72 -4.76 9.29 -2.39
C ASP E 72 -5.84 10.00 -3.20
N ASN E 73 -7.08 9.93 -2.70
CA ASN E 73 -8.20 10.49 -3.45
C ASN E 73 -8.23 12.01 -3.33
N SER E 74 -8.04 12.53 -2.11
CA SER E 74 -7.85 13.96 -1.90
C SER E 74 -6.85 14.55 -2.90
N MET E 75 -5.66 13.96 -2.97
CA MET E 75 -4.66 14.40 -3.93
C MET E 75 -4.93 13.92 -5.35
N ASN E 76 -5.85 12.96 -5.52
CA ASN E 76 -6.11 12.34 -6.82
C ASN E 76 -4.82 11.84 -7.47
N THR E 77 -4.08 11.02 -6.74
CA THR E 77 -2.77 10.57 -7.16
C THR E 77 -2.61 9.07 -6.90
N LEU E 78 -1.91 8.40 -7.80
CA LEU E 78 -1.54 7.00 -7.64
C LEU E 78 -0.10 6.91 -7.16
N PHE E 79 0.20 5.87 -6.38
CA PHE E 79 1.52 5.72 -5.78
C PHE E 79 2.01 4.30 -5.96
N LEU E 80 3.31 4.19 -6.22
CA LEU E 80 4.00 2.91 -6.33
C LEU E 80 5.17 2.98 -5.35
N GLN E 81 5.02 2.33 -4.20
CA GLN E 81 6.08 2.27 -3.21
C GLN E 81 6.94 1.04 -3.50
N MET E 82 8.22 1.26 -3.78
CA MET E 82 9.14 0.20 -4.17
C MET E 82 10.21 0.06 -3.09
N ASN E 83 10.44 -1.17 -2.66
CA ASN E 83 11.42 -1.48 -1.63
C ASN E 83 12.42 -2.50 -2.16
N SER E 84 13.58 -2.53 -1.51
CA SER E 84 14.73 -3.36 -1.89
C SER E 84 14.91 -3.39 -3.41
N LEU E 85 15.18 -2.22 -3.96
CA LEU E 85 15.38 -2.09 -5.40
C LEU E 85 16.71 -2.73 -5.79
N ARG E 86 16.67 -3.57 -6.82
CA ARG E 86 17.87 -4.17 -7.38
C ARG E 86 18.16 -3.55 -8.73
N ALA E 87 19.37 -3.83 -9.24
CA ALA E 87 19.78 -3.28 -10.53
C ALA E 87 18.79 -3.62 -11.63
N GLU E 88 18.16 -4.80 -11.56
CA GLU E 88 17.19 -5.20 -12.58
C GLU E 88 15.96 -4.31 -12.61
N ASP E 89 15.69 -3.56 -11.54
CA ASP E 89 14.52 -2.69 -11.49
C ASP E 89 14.71 -1.36 -12.21
N THR E 90 15.91 -1.07 -12.72
CA THR E 90 16.13 0.17 -13.46
C THR E 90 15.26 0.20 -14.70
N ALA E 91 14.40 1.22 -14.80
CA ALA E 91 13.44 1.27 -15.90
C ALA E 91 12.71 2.60 -15.88
N VAL E 92 12.04 2.90 -17.00
CA VAL E 92 11.04 3.96 -17.05
C VAL E 92 9.72 3.37 -16.60
N TYR E 93 9.06 4.05 -15.66
CA TYR E 93 7.81 3.58 -15.08
C TYR E 93 6.66 4.47 -15.52
N TYR E 94 5.63 3.86 -16.11
CA TYR E 94 4.43 4.52 -16.55
C TYR E 94 3.25 4.14 -15.65
N CYS E 95 2.41 5.12 -15.35
CA CYS E 95 1.07 4.87 -14.84
C CYS E 95 0.10 4.94 -16.01
N ALA E 96 -0.93 4.11 -15.96
CA ALA E 96 -1.88 4.05 -17.05
C ALA E 96 -3.27 3.77 -16.50
N ARG E 97 -4.26 4.45 -17.08
CA ARG E 97 -5.64 4.12 -16.82
C ARG E 97 -6.02 2.88 -17.62
N VAL E 98 -6.71 1.93 -16.97
CA VAL E 98 -7.11 0.68 -17.59
C VAL E 98 -8.62 0.63 -17.65
N LEU E 99 -9.15 0.19 -18.79
CA LEU E 99 -10.58 0.01 -18.95
C LEU E 99 -10.89 -1.48 -18.96
N PRO E 100 -11.90 -1.95 -18.24
CA PRO E 100 -12.10 -3.40 -18.08
C PRO E 100 -13.03 -4.04 -19.09
N MET E 101 -13.61 -3.28 -20.01
CA MET E 101 -14.47 -3.86 -21.03
C MET E 101 -13.58 -4.45 -22.11
N TYR E 102 -14.00 -5.59 -22.68
CA TYR E 102 -13.21 -6.31 -23.68
C TYR E 102 -11.89 -6.81 -23.09
N GLY E 103 -11.96 -7.43 -21.92
CA GLY E 103 -10.72 -7.62 -21.20
C GLY E 103 -10.16 -6.28 -20.72
N ASP E 104 -8.89 -6.32 -20.30
CA ASP E 104 -8.22 -5.14 -19.80
C ASP E 104 -7.29 -4.57 -20.86
N TYR E 105 -7.45 -3.28 -21.16
CA TYR E 105 -6.54 -2.57 -22.03
C TYR E 105 -6.25 -1.22 -21.42
N LEU E 106 -5.08 -0.68 -21.77
CA LEU E 106 -4.55 0.53 -21.14
C LEU E 106 -4.69 1.66 -22.16
N ASP E 107 -5.70 2.49 -21.98
CA ASP E 107 -6.07 3.45 -23.03
C ASP E 107 -5.38 4.80 -22.90
N TYR E 108 -4.89 5.15 -21.71
CA TYR E 108 -4.16 6.40 -21.53
C TYR E 108 -2.98 6.18 -20.62
N TRP E 109 -1.79 6.57 -21.09
CA TRP E 109 -0.54 6.42 -20.37
C TRP E 109 0.02 7.78 -20.00
N GLY E 110 0.58 7.87 -18.79
CA GLY E 110 1.46 8.97 -18.47
C GLY E 110 2.79 8.79 -19.16
N GLN E 111 3.63 9.81 -19.08
CA GLN E 111 4.83 9.82 -19.92
C GLN E 111 6.04 9.26 -19.20
N GLY E 112 5.84 8.59 -18.07
CA GLY E 112 6.89 7.81 -17.45
C GLY E 112 7.84 8.65 -16.61
N THR E 113 8.46 8.02 -15.62
CA THR E 113 9.56 8.62 -14.87
C THR E 113 10.63 7.57 -14.71
N LEU E 114 11.89 7.98 -14.84
CA LEU E 114 13.00 7.04 -14.89
C LEU E 114 13.49 6.75 -13.48
N VAL E 115 13.63 5.47 -13.17
CA VAL E 115 14.21 4.99 -11.92
C VAL E 115 15.52 4.30 -12.27
N THR E 116 16.62 4.82 -11.75
CA THR E 116 17.94 4.28 -11.94
C THR E 116 18.42 3.69 -10.62
N VAL E 117 18.80 2.43 -10.64
CA VAL E 117 19.36 1.74 -9.48
C VAL E 117 20.83 1.49 -9.80
N SER E 118 21.72 2.10 -9.02
CA SER E 118 23.14 1.91 -9.23
C SER E 118 23.90 2.33 -7.98
N SER E 119 25.14 1.87 -7.88
CA SER E 119 26.00 2.14 -6.74
C SER E 119 26.76 3.45 -6.89
N ALA E 120 26.46 4.23 -7.92
CA ALA E 120 27.19 5.46 -8.22
C ALA E 120 26.59 6.65 -7.47
N SER E 121 27.29 7.77 -7.57
CA SER E 121 26.90 9.01 -6.92
C SER E 121 26.29 9.96 -7.95
N THR E 122 25.41 10.84 -7.48
CA THR E 122 24.84 11.86 -8.35
C THR E 122 25.87 12.94 -8.67
N LYS E 123 25.87 13.39 -9.92
CA LYS E 123 26.79 14.42 -10.37
C LYS E 123 26.09 15.35 -11.34
N GLY E 124 26.30 16.65 -11.16
CA GLY E 124 25.77 17.64 -12.07
C GLY E 124 26.63 17.79 -13.31
N PRO E 125 25.99 18.09 -14.44
CA PRO E 125 26.73 18.15 -15.70
C PRO E 125 27.47 19.46 -15.89
N SER E 126 28.54 19.39 -16.67
CA SER E 126 29.24 20.56 -17.17
C SER E 126 28.80 20.82 -18.60
N VAL E 127 28.37 22.05 -18.88
CA VAL E 127 27.82 22.38 -20.18
C VAL E 127 28.80 23.29 -20.92
N PHE E 128 29.29 22.82 -22.05
CA PHE E 128 30.23 23.59 -22.84
C PHE E 128 29.60 24.00 -24.17
N PRO E 129 29.94 25.17 -24.69
CA PRO E 129 29.37 25.58 -25.98
C PRO E 129 30.17 25.01 -27.14
N LEU E 130 29.46 24.43 -28.11
CA LEU E 130 30.01 24.10 -29.41
C LEU E 130 29.62 25.27 -30.30
N ALA E 131 30.51 26.26 -30.38
CA ALA E 131 30.25 27.55 -30.99
C ALA E 131 30.32 27.44 -32.50
N PRO E 132 29.46 28.16 -33.23
CA PRO E 132 29.49 28.04 -34.69
C PRO E 132 30.78 28.64 -35.24
N SER E 133 31.61 27.76 -35.80
CA SER E 133 32.85 28.10 -36.47
C SER E 133 32.65 28.14 -37.98
N SER E 134 33.73 28.50 -38.68
CA SER E 134 33.73 28.41 -40.13
C SER E 134 33.48 26.98 -40.57
N LYS E 135 34.02 26.02 -39.82
CA LYS E 135 33.84 24.61 -40.12
C LYS E 135 32.44 24.12 -39.78
N SER E 136 31.81 24.70 -38.76
CA SER E 136 30.39 24.47 -38.44
C SER E 136 29.43 25.10 -39.44
N THR E 137 29.92 25.74 -40.50
CA THR E 137 29.08 26.50 -41.42
C THR E 137 29.25 25.94 -42.83
N SER E 138 28.20 25.33 -43.36
CA SER E 138 28.18 24.82 -44.73
C SER E 138 27.23 25.71 -45.52
N GLY E 139 27.77 26.61 -46.33
CA GLY E 139 26.88 27.46 -47.10
C GLY E 139 26.16 28.43 -46.18
N GLY E 140 24.89 28.66 -46.48
CA GLY E 140 24.03 29.57 -45.74
C GLY E 140 23.58 29.04 -44.39
N THR E 141 23.93 27.81 -44.03
CA THR E 141 23.54 27.21 -42.77
C THR E 141 24.74 27.08 -41.84
N ALA E 142 24.50 27.31 -40.55
CA ALA E 142 25.51 27.19 -39.52
C ALA E 142 24.97 26.30 -38.40
N ALA E 143 25.81 25.37 -37.93
CA ALA E 143 25.46 24.50 -36.81
C ALA E 143 26.09 25.04 -35.52
N LEU E 144 25.31 25.00 -34.44
CA LEU E 144 25.82 25.39 -33.13
C LEU E 144 25.15 24.51 -32.08
N GLY E 145 25.76 24.39 -30.92
CA GLY E 145 25.14 23.53 -29.93
C GLY E 145 25.78 23.61 -28.56
N CYS E 146 25.39 22.65 -27.73
CA CYS E 146 25.84 22.50 -26.35
C CYS E 146 26.26 21.05 -26.14
N LEU E 147 27.42 20.85 -25.51
CA LEU E 147 27.85 19.53 -25.07
C LEU E 147 27.64 19.46 -23.56
N VAL E 148 26.73 18.58 -23.14
CA VAL E 148 26.40 18.36 -21.73
C VAL E 148 27.16 17.13 -21.28
N LYS E 149 28.19 17.32 -20.43
CA LYS E 149 29.17 16.27 -20.15
C LYS E 149 29.16 15.87 -18.68
N ASP E 150 29.35 14.57 -18.45
CA ASP E 150 29.69 14.00 -17.14
C ASP E 150 28.64 14.34 -16.08
N TYR E 151 27.47 13.73 -16.26
CA TYR E 151 26.39 13.82 -15.30
C TYR E 151 25.87 12.43 -14.97
N PHE E 152 25.20 12.32 -13.82
CA PHE E 152 24.61 11.06 -13.42
C PHE E 152 23.54 11.32 -12.38
N PRO E 153 22.37 10.68 -12.48
CA PRO E 153 22.04 9.80 -13.60
C PRO E 153 21.26 10.53 -14.67
N GLU E 154 20.74 9.80 -15.64
CA GLU E 154 19.82 10.38 -16.60
C GLU E 154 18.46 10.62 -15.94
N PRO E 155 17.62 11.48 -16.52
CA PRO E 155 17.80 12.21 -17.78
C PRO E 155 18.21 13.67 -17.59
N VAL E 156 18.62 14.30 -18.68
CA VAL E 156 18.81 15.73 -18.74
C VAL E 156 17.92 16.28 -19.85
N THR E 157 17.35 17.47 -19.62
CA THR E 157 16.49 18.13 -20.59
C THR E 157 17.21 19.35 -21.14
N VAL E 158 17.29 19.44 -22.47
CA VAL E 158 17.92 20.54 -23.17
C VAL E 158 16.85 21.27 -23.99
N SER E 159 16.71 22.57 -23.76
CA SER E 159 15.88 23.42 -24.59
C SER E 159 16.74 24.52 -25.21
N TRP E 160 16.19 25.22 -26.19
CA TRP E 160 16.89 26.31 -26.86
C TRP E 160 16.04 27.55 -26.77
N ASN E 161 16.60 28.61 -26.18
CA ASN E 161 15.89 29.87 -25.96
C ASN E 161 14.58 29.63 -25.21
N SER E 162 14.65 28.80 -24.17
CA SER E 162 13.50 28.31 -23.42
C SER E 162 12.29 28.05 -24.32
N GLY E 163 12.48 27.12 -25.25
CA GLY E 163 11.40 26.68 -26.12
C GLY E 163 11.12 27.55 -27.32
N ALA E 164 11.74 28.73 -27.43
CA ALA E 164 11.44 29.61 -28.54
C ALA E 164 11.97 29.06 -29.86
N LEU E 165 13.03 28.25 -29.83
CA LEU E 165 13.61 27.65 -31.02
C LEU E 165 13.48 26.13 -30.92
N THR E 166 12.66 25.54 -31.80
CA THR E 166 12.48 24.10 -31.83
C THR E 166 12.74 23.48 -33.20
N SER E 167 12.77 24.29 -34.26
CA SER E 167 13.03 23.77 -35.59
C SER E 167 14.53 23.53 -35.78
N GLY E 168 14.87 22.39 -36.38
CA GLY E 168 16.25 22.05 -36.63
C GLY E 168 17.04 21.58 -35.42
N VAL E 169 16.39 21.39 -34.28
CA VAL E 169 17.07 21.00 -33.06
C VAL E 169 17.18 19.48 -33.02
N HIS E 170 18.40 18.98 -32.88
CA HIS E 170 18.68 17.56 -32.68
C HIS E 170 19.41 17.43 -31.35
N THR E 171 18.77 16.82 -30.36
CA THR E 171 19.43 16.50 -29.10
C THR E 171 19.63 15.00 -29.03
N PHE E 172 20.89 14.57 -29.02
CA PHE E 172 21.23 13.17 -29.21
C PHE E 172 21.05 12.38 -27.91
N PRO E 173 20.69 11.10 -28.02
CA PRO E 173 20.65 10.24 -26.83
C PRO E 173 22.02 10.20 -26.16
N ALA E 174 22.02 10.21 -24.84
CA ALA E 174 23.28 10.16 -24.10
C ALA E 174 23.93 8.79 -24.24
N VAL E 175 25.26 8.78 -24.16
CA VAL E 175 26.05 7.55 -24.19
C VAL E 175 26.93 7.52 -22.95
N LEU E 176 27.12 6.33 -22.37
CA LEU E 176 27.88 6.17 -21.14
C LEU E 176 29.37 6.18 -21.47
N GLN E 177 30.10 7.09 -20.84
CA GLN E 177 31.49 7.42 -21.15
C GLN E 177 32.49 6.51 -20.44
N SER E 178 33.78 6.75 -20.71
CA SER E 178 34.86 6.17 -19.93
C SER E 178 34.60 6.33 -18.43
N SER E 179 34.18 7.53 -18.04
CA SER E 179 33.63 7.87 -16.73
C SER E 179 32.82 6.74 -16.08
N GLY E 180 31.79 6.28 -16.79
CA GLY E 180 30.62 5.69 -16.17
C GLY E 180 29.53 6.72 -15.98
N LEU E 181 29.76 7.94 -16.42
CA LEU E 181 28.83 9.06 -16.46
C LEU E 181 28.34 9.26 -17.89
N TYR E 182 27.19 9.91 -18.02
CA TYR E 182 26.62 10.18 -19.33
C TYR E 182 27.09 11.52 -19.87
N SER E 183 27.12 11.62 -21.20
CA SER E 183 27.30 12.88 -21.89
C SER E 183 26.49 12.86 -23.17
N LEU E 184 26.23 14.05 -23.69
CA LEU E 184 25.15 14.26 -24.63
C LEU E 184 25.44 15.53 -25.42
N SER E 185 24.96 15.57 -26.65
CA SER E 185 25.15 16.74 -27.50
C SER E 185 23.80 17.22 -28.01
N SER E 186 23.60 18.54 -27.98
CA SER E 186 22.41 19.17 -28.54
C SER E 186 22.85 20.18 -29.58
N VAL E 187 22.46 19.97 -30.83
CA VAL E 187 22.87 20.84 -31.93
C VAL E 187 21.63 21.43 -32.57
N VAL E 188 21.85 22.50 -33.33
CA VAL E 188 20.78 23.15 -34.08
C VAL E 188 21.40 23.87 -35.26
N THR E 189 20.71 23.81 -36.40
CA THR E 189 21.13 24.49 -37.61
C THR E 189 20.33 25.77 -37.76
N VAL E 190 20.98 26.80 -38.26
CA VAL E 190 20.44 28.16 -38.17
C VAL E 190 20.93 28.94 -39.39
N PRO E 191 20.19 29.95 -39.86
CA PRO E 191 20.78 30.88 -40.84
C PRO E 191 22.07 31.49 -40.29
N SER E 192 23.07 31.59 -41.17
CA SER E 192 24.39 32.01 -40.72
C SER E 192 24.50 33.52 -40.55
N SER E 193 23.62 34.30 -41.20
CA SER E 193 23.51 35.71 -40.89
C SER E 193 23.04 35.93 -39.45
N SER E 194 22.01 35.17 -39.03
CA SER E 194 21.42 35.32 -37.71
C SER E 194 22.45 35.24 -36.58
N LEU E 195 23.67 34.78 -36.86
CA LEU E 195 24.68 34.67 -35.82
C LEU E 195 25.21 36.01 -35.36
N GLY E 196 24.86 37.11 -36.02
CA GLY E 196 25.24 38.40 -35.46
C GLY E 196 24.14 39.09 -34.67
N THR E 197 22.89 38.91 -35.10
CA THR E 197 21.76 39.54 -34.43
C THR E 197 21.26 38.71 -33.26
N GLN E 198 20.89 37.46 -33.51
CA GLN E 198 20.12 36.68 -32.56
C GLN E 198 21.05 36.01 -31.56
N THR E 199 20.51 35.73 -30.38
CA THR E 199 21.25 35.07 -29.32
C THR E 199 20.70 33.66 -29.10
N TYR E 200 21.60 32.70 -28.98
CA TYR E 200 21.26 31.29 -28.85
C TYR E 200 21.77 30.82 -27.51
N ILE E 201 20.86 30.59 -26.57
CA ILE E 201 21.18 30.08 -25.25
C ILE E 201 20.50 28.73 -25.09
N CYS E 202 21.28 27.71 -24.78
CA CYS E 202 20.71 26.41 -24.47
C CYS E 202 20.48 26.31 -22.97
N ASN E 203 19.30 25.84 -22.58
CA ASN E 203 18.90 25.68 -21.20
C ASN E 203 18.95 24.20 -20.86
N VAL E 204 19.93 23.84 -20.02
CA VAL E 204 20.13 22.47 -19.56
C VAL E 204 19.56 22.35 -18.16
N ASN E 205 18.78 21.30 -17.92
CA ASN E 205 18.23 21.02 -16.60
C ASN E 205 18.41 19.55 -16.27
N HIS E 206 19.06 19.29 -15.13
CA HIS E 206 19.30 17.96 -14.59
C HIS E 206 18.74 17.98 -13.17
N LYS E 207 17.56 17.40 -12.97
CA LYS E 207 16.86 17.54 -11.70
C LYS E 207 17.24 16.48 -10.66
N PRO E 208 17.89 15.36 -11.03
CA PRO E 208 18.56 14.57 -9.98
C PRO E 208 19.64 15.36 -9.28
N SER E 209 20.23 16.33 -9.95
CA SER E 209 21.25 17.20 -9.38
C SER E 209 20.69 18.48 -8.80
N ASN E 210 19.47 18.86 -9.19
CA ASN E 210 19.00 20.24 -9.15
C ASN E 210 20.07 21.19 -9.69
N THR E 211 20.52 20.88 -10.90
CA THR E 211 21.38 21.76 -11.68
C THR E 211 20.58 22.35 -12.84
N LYS E 212 20.57 23.68 -12.93
CA LYS E 212 19.92 24.38 -14.02
C LYS E 212 20.91 25.41 -14.57
N VAL E 213 21.33 25.23 -15.82
CA VAL E 213 22.33 26.09 -16.44
C VAL E 213 21.78 26.64 -17.74
N ASP E 214 21.93 27.94 -17.93
CA ASP E 214 21.61 28.61 -19.20
C ASP E 214 22.94 29.05 -19.80
N LYS E 215 23.33 28.46 -20.92
CA LYS E 215 24.63 28.71 -21.54
C LYS E 215 24.43 29.40 -22.87
N ARG E 216 24.95 30.62 -22.97
CA ARG E 216 25.07 31.32 -24.24
C ARG E 216 26.10 30.65 -25.14
N VAL E 217 25.82 30.61 -26.44
CA VAL E 217 26.73 30.06 -27.44
C VAL E 217 27.18 31.17 -28.37
N GLU E 218 28.49 31.27 -28.59
CA GLU E 218 29.11 32.36 -29.34
C GLU E 218 28.70 33.73 -28.80
N ASP F 1 3.05 -18.47 -17.09
CA ASP F 1 2.67 -17.18 -17.66
C ASP F 1 2.51 -17.27 -19.17
N ILE F 2 1.61 -16.48 -19.73
CA ILE F 2 1.38 -16.47 -21.17
C ILE F 2 2.48 -15.64 -21.82
N VAL F 3 3.12 -16.20 -22.85
CA VAL F 3 4.23 -15.55 -23.54
C VAL F 3 3.74 -15.09 -24.92
N MET F 4 4.01 -13.83 -25.24
CA MET F 4 3.67 -13.26 -26.53
C MET F 4 4.93 -13.15 -27.39
N THR F 5 4.89 -13.75 -28.58
CA THR F 5 6.01 -13.75 -29.52
C THR F 5 5.67 -12.84 -30.69
N GLN F 6 6.44 -11.78 -30.87
CA GLN F 6 6.21 -10.85 -31.97
C GLN F 6 7.18 -11.14 -33.11
N SER F 7 6.68 -10.97 -34.35
CA SER F 7 7.48 -11.21 -35.54
C SER F 7 7.16 -10.16 -36.60
N PRO F 8 8.18 -9.56 -37.24
CA PRO F 8 9.59 -9.75 -36.89
C PRO F 8 9.96 -8.94 -35.65
N SER F 9 11.22 -8.94 -35.24
CA SER F 9 11.62 -8.09 -34.13
C SER F 9 12.00 -6.70 -34.62
N SER F 10 12.40 -6.60 -35.89
CA SER F 10 12.56 -5.32 -36.56
C SER F 10 12.16 -5.49 -38.02
N LEU F 11 11.64 -4.41 -38.58
CA LEU F 11 11.06 -4.40 -39.92
C LEU F 11 11.28 -3.00 -40.49
N SER F 12 11.62 -2.94 -41.77
CA SER F 12 11.85 -1.67 -42.44
C SER F 12 11.16 -1.67 -43.79
N ALA F 13 10.46 -0.58 -44.09
CA ALA F 13 9.58 -0.55 -45.24
C ALA F 13 9.43 0.89 -45.73
N SER F 14 8.91 1.01 -46.94
CA SER F 14 8.79 2.28 -47.65
C SER F 14 7.42 2.92 -47.43
N VAL F 15 7.41 4.24 -47.65
CA VAL F 15 6.18 5.03 -47.57
C VAL F 15 5.13 4.46 -48.52
N GLY F 16 3.93 4.21 -47.98
CA GLY F 16 2.83 3.68 -48.77
C GLY F 16 2.69 2.16 -48.78
N ASP F 17 3.67 1.44 -48.24
CA ASP F 17 3.61 -0.02 -48.27
C ASP F 17 2.58 -0.54 -47.28
N ARG F 18 2.07 -1.73 -47.56
CA ARG F 18 1.26 -2.46 -46.60
C ARG F 18 2.18 -3.33 -45.76
N VAL F 19 2.10 -3.20 -44.43
CA VAL F 19 3.01 -3.90 -43.54
C VAL F 19 2.24 -4.71 -42.52
N THR F 20 2.82 -5.87 -42.18
CA THR F 20 2.22 -6.89 -41.33
C THR F 20 3.16 -7.22 -40.18
N ILE F 21 2.66 -7.14 -38.96
CA ILE F 21 3.35 -7.63 -37.77
C ILE F 21 2.47 -8.70 -37.16
N THR F 22 3.07 -9.78 -36.68
CA THR F 22 2.30 -10.87 -36.10
C THR F 22 2.63 -11.00 -34.63
N CYS F 23 1.61 -11.31 -33.82
CA CYS F 23 1.77 -11.58 -32.39
C CYS F 23 1.19 -12.96 -32.20
N ARG F 24 1.94 -13.88 -31.64
CA ARG F 24 1.35 -15.20 -31.49
C ARG F 24 1.67 -15.76 -30.11
N ALA F 25 0.65 -16.38 -29.54
CA ALA F 25 0.50 -16.62 -28.12
C ALA F 25 0.74 -18.08 -27.73
N SER F 26 1.38 -18.26 -26.57
CA SER F 26 1.68 -19.59 -26.08
C SER F 26 0.44 -20.40 -25.74
N GLN F 27 -0.67 -19.75 -25.40
CA GLN F 27 -1.93 -20.42 -25.13
C GLN F 27 -3.04 -19.65 -25.84
N ASN F 28 -4.24 -20.21 -25.80
CA ASN F 28 -5.40 -19.52 -26.34
C ASN F 28 -5.74 -18.32 -25.46
N ILE F 29 -5.77 -17.13 -26.06
CA ILE F 29 -6.15 -15.92 -25.36
C ILE F 29 -7.41 -15.32 -25.96
N GLU F 30 -8.14 -16.13 -26.71
CA GLU F 30 -9.33 -15.70 -27.43
C GLU F 30 -9.05 -14.44 -28.21
N ARG F 31 -9.69 -13.34 -27.83
CA ARG F 31 -9.43 -12.06 -28.45
C ARG F 31 -9.10 -10.95 -27.44
N TYR F 32 -8.54 -11.33 -26.29
CA TYR F 32 -8.05 -10.39 -25.28
C TYR F 32 -6.62 -10.01 -25.60
N LEU F 33 -6.48 -9.35 -26.75
CA LEU F 33 -5.19 -8.95 -27.30
C LEU F 33 -5.27 -7.49 -27.71
N ASN F 34 -4.29 -6.69 -27.30
CA ASN F 34 -4.24 -5.27 -27.61
C ASN F 34 -2.91 -4.92 -28.26
N TRP F 35 -2.94 -3.86 -29.05
CA TRP F 35 -1.78 -3.34 -29.77
C TRP F 35 -1.55 -1.90 -29.36
N TYR F 36 -0.32 -1.60 -28.95
CA TYR F 36 0.12 -0.27 -28.56
C TYR F 36 1.27 0.17 -29.46
N GLN F 37 1.35 1.48 -29.67
CA GLN F 37 2.42 2.10 -30.45
C GLN F 37 3.23 3.02 -29.54
N GLN F 38 4.55 2.95 -29.65
CA GLN F 38 5.44 3.76 -28.83
C GLN F 38 6.43 4.48 -29.73
N LYS F 39 6.40 5.81 -29.69
CA LYS F 39 7.38 6.68 -30.30
C LYS F 39 8.56 6.87 -29.35
N PRO F 40 9.75 7.16 -29.87
CA PRO F 40 10.93 7.25 -29.01
C PRO F 40 10.74 8.29 -27.90
N GLY F 41 11.05 7.88 -26.67
CA GLY F 41 10.96 8.76 -25.53
C GLY F 41 9.57 9.20 -25.14
N LYS F 42 8.53 8.63 -25.74
CA LYS F 42 7.17 9.02 -25.45
C LYS F 42 6.39 7.84 -24.89
N ALA F 43 5.24 8.14 -24.29
CA ALA F 43 4.43 7.11 -23.68
C ALA F 43 3.78 6.25 -24.77
N PRO F 44 3.63 4.96 -24.54
CA PRO F 44 2.90 4.12 -25.50
C PRO F 44 1.48 4.62 -25.71
N LYS F 45 1.00 4.46 -26.95
CA LYS F 45 -0.33 4.87 -27.34
C LYS F 45 -1.10 3.63 -27.76
N LEU F 46 -2.32 3.48 -27.23
CA LEU F 46 -3.12 2.31 -27.58
C LEU F 46 -3.70 2.48 -28.98
N LEU F 47 -3.44 1.50 -29.84
CA LEU F 47 -3.96 1.50 -31.20
C LEU F 47 -5.16 0.56 -31.36
N ILE F 48 -5.06 -0.67 -30.86
CA ILE F 48 -6.09 -1.68 -31.07
C ILE F 48 -6.40 -2.34 -29.74
N TYR F 49 -7.69 -2.54 -29.46
CA TYR F 49 -8.09 -3.35 -28.32
C TYR F 49 -9.10 -4.38 -28.80
N ALA F 50 -9.15 -5.50 -28.06
CA ALA F 50 -9.99 -6.64 -28.42
C ALA F 50 -9.67 -7.14 -29.83
N ALA F 51 -8.36 -7.22 -30.13
CA ALA F 51 -7.84 -7.83 -31.36
C ALA F 51 -8.10 -7.00 -32.62
N SER F 52 -9.33 -6.50 -32.81
CA SER F 52 -9.67 -5.86 -34.07
C SER F 52 -10.41 -4.53 -33.96
N SER F 53 -10.69 -4.04 -32.76
CA SER F 53 -11.42 -2.79 -32.62
C SER F 53 -10.43 -1.64 -32.41
N LEU F 54 -10.66 -0.55 -33.12
CA LEU F 54 -9.71 0.53 -33.25
C LEU F 54 -10.07 1.67 -32.29
N GLN F 55 -9.09 2.12 -31.51
CA GLN F 55 -9.34 3.17 -30.54
C GLN F 55 -9.56 4.51 -31.24
N SER F 56 -10.38 5.36 -30.61
CA SER F 56 -10.81 6.59 -31.25
C SER F 56 -9.64 7.57 -31.41
N GLY F 57 -9.59 8.21 -32.58
CA GLY F 57 -8.52 9.11 -32.93
C GLY F 57 -7.35 8.48 -33.68
N VAL F 58 -7.39 7.18 -33.96
CA VAL F 58 -6.31 6.50 -34.66
C VAL F 58 -6.69 6.33 -36.12
N PRO F 59 -5.77 6.62 -37.05
CA PRO F 59 -6.12 6.57 -38.48
C PRO F 59 -6.64 5.20 -38.91
N SER F 60 -7.48 5.22 -39.94
CA SER F 60 -8.12 4.00 -40.43
C SER F 60 -7.13 3.04 -41.09
N ARG F 61 -5.93 3.49 -41.41
CA ARG F 61 -4.92 2.60 -42.01
C ARG F 61 -4.43 1.54 -41.04
N PHE F 62 -4.68 1.69 -39.75
CA PHE F 62 -4.37 0.68 -38.75
C PHE F 62 -5.53 -0.29 -38.63
N SER F 63 -5.24 -1.60 -38.60
CA SER F 63 -6.28 -2.58 -38.37
C SER F 63 -5.69 -3.82 -37.74
N GLY F 64 -6.53 -4.56 -37.02
CA GLY F 64 -6.11 -5.74 -36.30
C GLY F 64 -6.92 -6.93 -36.73
N SER F 65 -6.30 -8.10 -36.64
CA SER F 65 -6.95 -9.35 -37.01
C SER F 65 -6.44 -10.45 -36.09
N GLY F 66 -7.13 -11.57 -36.10
CA GLY F 66 -6.69 -12.75 -35.39
C GLY F 66 -7.62 -13.13 -34.26
N SER F 67 -7.36 -14.31 -33.71
CA SER F 67 -8.15 -14.87 -32.64
C SER F 67 -7.48 -16.14 -32.14
N GLY F 68 -7.61 -16.40 -30.84
CA GLY F 68 -7.04 -17.59 -30.26
C GLY F 68 -5.56 -17.51 -30.02
N THR F 69 -4.78 -18.00 -30.98
CA THR F 69 -3.32 -18.06 -30.86
C THR F 69 -2.59 -17.01 -31.67
N ASP F 70 -3.11 -16.62 -32.83
CA ASP F 70 -2.40 -15.76 -33.77
C ASP F 70 -3.19 -14.48 -34.02
N PHE F 71 -2.46 -13.36 -34.07
CA PHE F 71 -3.03 -12.05 -34.31
C PHE F 71 -2.09 -11.26 -35.18
N THR F 72 -2.63 -10.32 -35.95
CA THR F 72 -1.84 -9.50 -36.86
C THR F 72 -2.23 -8.03 -36.72
N LEU F 73 -1.21 -7.19 -36.63
CA LEU F 73 -1.33 -5.74 -36.75
C LEU F 73 -0.95 -5.37 -38.17
N THR F 74 -1.86 -4.75 -38.91
CA THR F 74 -1.60 -4.38 -40.27
C THR F 74 -1.76 -2.88 -40.45
N ILE F 75 -0.80 -2.28 -41.14
CA ILE F 75 -0.90 -0.88 -41.56
C ILE F 75 -1.02 -0.88 -43.07
N SER F 76 -2.12 -0.29 -43.57
CA SER F 76 -2.51 -0.50 -44.96
C SER F 76 -1.62 0.28 -45.94
N SER F 77 -1.08 1.42 -45.52
CA SER F 77 -0.02 2.13 -46.24
C SER F 77 0.89 2.73 -45.18
N LEU F 78 2.09 2.17 -45.03
CA LEU F 78 2.98 2.60 -43.96
C LEU F 78 3.56 3.99 -44.23
N GLN F 79 3.63 4.83 -43.20
CA GLN F 79 3.97 6.25 -43.36
C GLN F 79 5.05 6.81 -42.42
N PRO F 80 5.59 8.02 -42.77
CA PRO F 80 6.77 8.50 -42.03
C PRO F 80 6.52 8.65 -40.54
N GLU F 81 5.34 9.13 -40.14
CA GLU F 81 5.08 9.27 -38.70
C GLU F 81 4.74 7.95 -38.03
N ASP F 82 4.59 6.87 -38.79
CA ASP F 82 4.29 5.57 -38.21
C ASP F 82 5.54 4.83 -37.75
N PHE F 83 6.72 5.39 -37.99
CA PHE F 83 7.95 4.87 -37.40
C PHE F 83 7.79 4.79 -35.89
N ALA F 84 8.00 3.60 -35.33
CA ALA F 84 7.70 3.42 -33.91
C ALA F 84 8.14 2.04 -33.49
N THR F 85 7.76 1.65 -32.28
CA THR F 85 7.83 0.28 -31.82
C THR F 85 6.44 -0.17 -31.43
N TYR F 86 6.02 -1.32 -31.92
CA TYR F 86 4.67 -1.81 -31.70
C TYR F 86 4.71 -2.99 -30.75
N TYR F 87 3.81 -2.98 -29.77
CA TYR F 87 3.75 -4.02 -28.74
C TYR F 87 2.37 -4.64 -28.74
N CYS F 88 2.31 -5.96 -28.67
CA CYS F 88 1.07 -6.65 -28.35
C CYS F 88 1.05 -6.98 -26.87
N GLN F 89 -0.15 -7.03 -26.29
CA GLN F 89 -0.34 -7.25 -24.87
C GLN F 89 -1.57 -8.12 -24.66
N GLN F 90 -1.44 -9.14 -23.82
CA GLN F 90 -2.51 -10.08 -23.56
C GLN F 90 -3.20 -9.74 -22.24
N SER F 91 -4.51 -9.93 -22.20
CA SER F 91 -5.32 -9.72 -21.01
C SER F 91 -6.31 -10.88 -20.85
N ALA F 92 -5.83 -12.10 -21.11
CA ALA F 92 -6.73 -13.25 -21.15
C ALA F 92 -7.21 -13.63 -19.76
N SER F 93 -6.33 -13.57 -18.76
CA SER F 93 -6.67 -14.01 -17.41
C SER F 93 -7.76 -13.11 -16.81
N SER F 94 -8.61 -13.72 -15.98
CA SER F 94 -9.65 -12.93 -15.32
C SER F 94 -9.05 -12.02 -14.25
N THR F 95 -8.05 -12.50 -13.51
CA THR F 95 -7.35 -11.54 -12.69
C THR F 95 -6.06 -11.12 -13.38
N PRO F 96 -5.61 -9.88 -13.16
CA PRO F 96 -4.55 -9.30 -14.01
C PRO F 96 -3.25 -10.11 -14.00
N GLU F 97 -2.86 -10.58 -15.19
CA GLU F 97 -1.57 -11.23 -15.44
C GLU F 97 -1.06 -10.79 -16.81
N TYR F 98 -0.97 -9.48 -17.04
CA TYR F 98 -0.60 -8.95 -18.35
C TYR F 98 0.82 -9.34 -18.72
N THR F 99 1.01 -9.66 -20.00
CA THR F 99 2.33 -9.87 -20.57
C THR F 99 2.39 -9.18 -21.93
N PHE F 100 3.60 -8.76 -22.31
CA PHE F 100 3.83 -8.08 -23.57
C PHE F 100 4.73 -8.92 -24.47
N GLY F 101 4.65 -8.64 -25.77
CA GLY F 101 5.64 -9.10 -26.71
C GLY F 101 6.92 -8.30 -26.52
N GLN F 102 7.93 -8.60 -27.34
CA GLN F 102 9.19 -7.89 -27.22
C GLN F 102 9.28 -6.71 -28.16
N GLY F 103 8.17 -6.32 -28.78
CA GLY F 103 8.17 -5.14 -29.62
C GLY F 103 8.71 -5.38 -31.01
N THR F 104 8.12 -4.68 -31.98
CA THR F 104 8.63 -4.65 -33.36
C THR F 104 8.97 -3.22 -33.70
N LYS F 105 10.23 -2.99 -34.11
CA LYS F 105 10.65 -1.65 -34.49
C LYS F 105 10.37 -1.46 -35.97
N LEU F 106 9.57 -0.46 -36.30
CA LEU F 106 9.15 -0.18 -37.66
C LEU F 106 9.84 1.11 -38.08
N GLU F 107 10.74 0.97 -39.06
CA GLU F 107 11.52 2.07 -39.61
C GLU F 107 11.10 2.32 -41.05
N ILE F 108 11.16 3.58 -41.46
CA ILE F 108 10.72 3.97 -42.80
C ILE F 108 11.91 3.89 -43.74
N LYS F 109 11.71 3.24 -44.88
CA LYS F 109 12.68 3.25 -45.97
C LYS F 109 12.35 4.39 -46.91
N ARG F 110 13.38 5.11 -47.34
CA ARG F 110 13.18 6.28 -48.17
C ARG F 110 14.39 6.44 -49.09
N THR F 111 14.41 7.53 -49.85
CA THR F 111 15.49 7.80 -50.78
C THR F 111 16.77 8.13 -50.05
N VAL F 112 17.90 7.87 -50.71
CA VAL F 112 19.20 8.22 -50.16
C VAL F 112 19.30 9.73 -49.97
N ALA F 113 19.94 10.13 -48.87
CA ALA F 113 20.19 11.54 -48.57
C ALA F 113 21.59 11.67 -48.00
N ALA F 114 22.42 12.53 -48.61
CA ALA F 114 23.79 12.69 -48.16
C ALA F 114 23.85 13.55 -46.90
N PRO F 115 24.73 13.23 -45.95
CA PRO F 115 24.80 14.00 -44.71
C PRO F 115 25.50 15.34 -44.88
N SER F 116 25.05 16.30 -44.09
CA SER F 116 25.79 17.54 -43.87
C SER F 116 26.82 17.31 -42.77
N VAL F 117 28.09 17.58 -43.07
CA VAL F 117 29.18 17.33 -42.12
C VAL F 117 29.62 18.66 -41.51
N PHE F 118 29.71 18.69 -40.18
CA PHE F 118 30.21 19.82 -39.42
C PHE F 118 31.17 19.32 -38.34
N ILE F 119 32.06 20.20 -37.88
CA ILE F 119 32.98 19.85 -36.81
C ILE F 119 33.07 21.00 -35.82
N PHE F 120 33.15 20.65 -34.54
CA PHE F 120 33.28 21.60 -33.44
C PHE F 120 34.56 21.28 -32.69
N PRO F 121 35.52 22.21 -32.65
CA PRO F 121 36.73 22.03 -31.88
C PRO F 121 36.46 22.17 -30.40
N PRO F 122 37.40 21.77 -29.54
CA PRO F 122 37.16 21.89 -28.09
C PRO F 122 36.98 23.34 -27.68
N SER F 123 35.89 23.56 -26.94
CA SER F 123 35.69 24.75 -26.12
C SER F 123 36.97 25.20 -25.43
N ASP F 124 37.21 26.50 -25.45
CA ASP F 124 38.24 27.06 -24.57
C ASP F 124 37.86 26.91 -23.10
N GLU F 125 36.56 26.90 -22.78
CA GLU F 125 36.13 26.75 -21.39
C GLU F 125 36.40 25.35 -20.84
N GLN F 126 36.11 24.31 -21.63
CA GLN F 126 36.46 22.94 -21.24
C GLN F 126 37.96 22.71 -21.22
N LEU F 127 38.73 23.52 -21.95
CA LEU F 127 40.18 23.36 -21.96
C LEU F 127 40.84 23.89 -20.70
N LYS F 128 40.11 24.61 -19.84
CA LYS F 128 40.58 24.88 -18.49
C LYS F 128 40.12 23.83 -17.49
N SER F 129 39.56 22.71 -17.97
CA SER F 129 39.22 21.57 -17.12
C SER F 129 40.08 20.34 -17.42
N GLY F 130 41.08 20.45 -18.29
CA GLY F 130 42.00 19.36 -18.53
C GLY F 130 41.57 18.34 -19.55
N THR F 131 40.44 18.53 -20.23
CA THR F 131 39.96 17.60 -21.23
C THR F 131 39.53 18.37 -22.48
N ALA F 132 39.52 17.66 -23.61
CA ALA F 132 39.13 18.25 -24.88
C ALA F 132 38.29 17.26 -25.67
N SER F 133 37.12 17.70 -26.13
CA SER F 133 36.24 16.87 -26.92
C SER F 133 35.98 17.53 -28.27
N VAL F 134 36.33 16.82 -29.34
CA VAL F 134 36.05 17.25 -30.70
C VAL F 134 34.78 16.56 -31.18
N VAL F 135 33.82 17.34 -31.66
CA VAL F 135 32.52 16.81 -32.05
C VAL F 135 32.37 16.89 -33.55
N CYS F 136 31.91 15.81 -34.15
CA CYS F 136 31.65 15.71 -35.58
C CYS F 136 30.16 15.45 -35.75
N LEU F 137 29.52 16.21 -36.63
CA LEU F 137 28.08 16.20 -36.81
C LEU F 137 27.72 15.78 -38.24
N LEU F 138 26.85 14.79 -38.35
CA LEU F 138 26.22 14.39 -39.61
C LEU F 138 24.74 14.72 -39.52
N ASN F 139 24.27 15.60 -40.41
CA ASN F 139 22.92 16.13 -40.32
C ASN F 139 22.08 15.66 -41.50
N ASN F 140 20.90 15.10 -41.19
CA ASN F 140 19.84 14.81 -42.14
C ASN F 140 20.34 13.94 -43.29
N PHE F 141 20.58 12.67 -42.97
CA PHE F 141 21.02 11.69 -43.95
C PHE F 141 20.19 10.41 -43.84
N TYR F 142 20.27 9.61 -44.91
CA TYR F 142 19.64 8.29 -45.00
C TYR F 142 20.39 7.51 -46.06
N PRO F 143 20.66 6.20 -45.83
CA PRO F 143 20.29 5.42 -44.65
C PRO F 143 21.13 5.67 -43.41
N ARG F 144 20.75 5.01 -42.31
CA ARG F 144 21.40 5.26 -41.03
C ARG F 144 22.83 4.74 -41.02
N GLU F 145 23.14 3.74 -41.85
CA GLU F 145 24.46 3.13 -41.83
C GLU F 145 25.47 4.11 -42.44
N ALA F 146 26.19 4.82 -41.58
CA ALA F 146 27.33 5.62 -41.97
C ALA F 146 28.45 5.35 -40.99
N LYS F 147 29.69 5.53 -41.45
CA LYS F 147 30.86 5.23 -40.63
C LYS F 147 31.74 6.47 -40.51
N VAL F 148 32.03 6.84 -39.27
CA VAL F 148 32.83 8.02 -38.94
C VAL F 148 34.17 7.53 -38.42
N GLN F 149 35.24 7.89 -39.13
CA GLN F 149 36.59 7.57 -38.71
C GLN F 149 37.29 8.86 -38.29
N TRP F 150 37.73 8.90 -37.04
CA TRP F 150 38.54 10.01 -36.56
C TRP F 150 40.00 9.73 -36.88
N LYS F 151 40.71 10.76 -37.32
CA LYS F 151 42.16 10.63 -37.42
C LYS F 151 42.81 11.93 -36.97
N VAL F 152 43.82 11.77 -36.13
CA VAL F 152 44.56 12.87 -35.51
C VAL F 152 45.95 12.85 -36.14
N ASP F 153 46.22 13.82 -37.00
CA ASP F 153 47.41 13.82 -37.83
C ASP F 153 47.57 12.53 -38.62
N ASN F 154 46.54 12.18 -39.38
CA ASN F 154 46.57 11.02 -40.26
C ASN F 154 46.71 9.70 -39.50
N ALA F 155 46.70 9.77 -38.17
CA ALA F 155 46.74 8.57 -37.35
C ALA F 155 45.30 8.17 -36.98
N LEU F 156 44.87 7.01 -37.45
CA LEU F 156 43.53 6.53 -37.14
C LEU F 156 43.36 6.35 -35.63
N GLN F 157 42.29 6.90 -35.09
CA GLN F 157 41.98 6.76 -33.68
C GLN F 157 41.07 5.56 -33.45
N SER F 158 41.26 4.92 -32.29
CA SER F 158 40.51 3.71 -31.96
C SER F 158 40.21 3.68 -30.47
N GLY F 159 38.95 3.41 -30.13
CA GLY F 159 38.53 3.22 -28.76
C GLY F 159 38.28 4.49 -27.97
N ASN F 160 38.65 5.66 -28.50
CA ASN F 160 38.55 6.92 -27.77
C ASN F 160 37.47 7.83 -28.33
N SER F 161 36.53 7.28 -29.08
CA SER F 161 35.41 8.05 -29.62
C SER F 161 34.11 7.28 -29.38
N GLN F 162 33.04 8.04 -29.17
CA GLN F 162 31.70 7.44 -29.14
C GLN F 162 30.77 8.25 -29.99
N GLU F 163 29.74 7.59 -30.52
CA GLU F 163 28.80 8.24 -31.40
C GLU F 163 27.37 7.90 -30.94
N SER F 164 26.49 8.86 -31.14
CA SER F 164 25.07 8.74 -30.84
C SER F 164 24.28 9.16 -32.07
N VAL F 165 23.22 8.43 -32.37
CA VAL F 165 22.38 8.71 -33.52
C VAL F 165 20.97 9.02 -33.02
N THR F 166 20.38 10.08 -33.54
CA THR F 166 18.99 10.35 -33.24
C THR F 166 18.12 9.26 -33.85
N GLU F 167 16.92 9.11 -33.31
CA GLU F 167 16.01 8.18 -33.92
C GLU F 167 15.37 8.82 -35.15
N GLN F 168 14.71 8.01 -35.96
CA GLN F 168 14.24 8.45 -37.27
C GLN F 168 13.29 9.62 -37.14
N ASP F 169 13.58 10.70 -37.87
CA ASP F 169 12.69 11.84 -37.86
C ASP F 169 11.33 11.46 -38.41
N SER F 170 10.27 11.93 -37.75
CA SER F 170 8.92 11.50 -38.09
C SER F 170 8.35 12.22 -39.29
N LYS F 171 9.11 13.14 -39.90
CA LYS F 171 8.62 13.87 -41.07
C LYS F 171 9.38 13.53 -42.34
N ASP F 172 10.72 13.57 -42.31
CA ASP F 172 11.52 13.26 -43.47
C ASP F 172 12.29 11.95 -43.34
N SER F 173 12.11 11.23 -42.22
CA SER F 173 12.69 9.89 -42.03
C SER F 173 14.21 9.90 -42.18
N THR F 174 14.87 10.97 -41.77
CA THR F 174 16.32 11.02 -41.82
C THR F 174 16.90 10.83 -40.42
N TYR F 175 18.21 10.61 -40.38
CA TYR F 175 18.95 10.47 -39.14
C TYR F 175 19.99 11.57 -39.03
N SER F 176 20.49 11.75 -37.81
CA SER F 176 21.64 12.61 -37.56
C SER F 176 22.53 11.92 -36.54
N LEU F 177 23.83 12.17 -36.65
CA LEU F 177 24.83 11.44 -35.88
C LEU F 177 25.84 12.41 -35.28
N SER F 178 26.21 12.16 -34.03
CA SER F 178 27.18 12.94 -33.29
C SER F 178 28.32 12.01 -32.88
N SER F 179 29.53 12.33 -33.31
CA SER F 179 30.71 11.56 -32.92
C SER F 179 31.63 12.45 -32.09
N THR F 180 31.92 12.02 -30.87
CA THR F 180 32.73 12.79 -29.94
C THR F 180 34.01 12.01 -29.67
N LEU F 181 35.15 12.65 -29.95
CA LEU F 181 36.48 12.14 -29.63
C LEU F 181 37.03 12.93 -28.46
N THR F 182 37.35 12.24 -27.37
CA THR F 182 37.80 12.90 -26.14
C THR F 182 39.27 12.58 -25.91
N LEU F 183 40.05 13.62 -25.60
CA LEU F 183 41.47 13.52 -25.33
C LEU F 183 41.81 14.27 -24.06
N SER F 184 42.89 13.83 -23.41
CA SER F 184 43.65 14.71 -22.54
C SER F 184 43.82 16.07 -23.21
N LYS F 185 43.81 17.14 -22.41
CA LYS F 185 44.13 18.44 -22.98
C LYS F 185 45.59 18.50 -23.40
N ALA F 186 46.47 17.76 -22.70
CA ALA F 186 47.88 17.75 -23.09
C ALA F 186 48.08 17.10 -24.45
N ASP F 187 47.48 15.93 -24.66
CA ASP F 187 47.60 15.27 -25.95
C ASP F 187 46.61 15.81 -26.96
N TYR F 188 45.65 16.64 -26.56
CA TYR F 188 44.95 17.44 -27.56
C TYR F 188 45.87 18.51 -28.11
N GLU F 189 46.47 19.29 -27.21
CA GLU F 189 47.34 20.39 -27.62
C GLU F 189 48.69 19.92 -28.16
N LYS F 190 49.01 18.63 -28.06
CA LYS F 190 50.30 18.13 -28.53
C LYS F 190 50.32 17.86 -30.04
N HIS F 191 49.16 17.79 -30.70
CA HIS F 191 49.06 17.41 -32.10
C HIS F 191 48.57 18.57 -32.96
N LYS F 192 48.57 18.33 -34.28
CA LYS F 192 48.31 19.35 -35.30
C LYS F 192 46.83 19.60 -35.55
N VAL F 193 46.32 18.91 -36.57
CA VAL F 193 45.01 19.08 -37.16
C VAL F 193 44.21 17.80 -36.93
N TYR F 194 42.92 17.97 -36.69
CA TYR F 194 42.01 16.89 -36.32
C TYR F 194 40.98 16.75 -37.43
N ALA F 195 40.72 15.50 -37.85
CA ALA F 195 39.80 15.27 -38.95
C ALA F 195 38.84 14.16 -38.60
N CYS F 196 37.58 14.33 -39.02
CA CYS F 196 36.63 13.23 -39.08
C CYS F 196 36.27 12.98 -40.53
N GLU F 197 36.41 11.73 -40.95
CA GLU F 197 36.15 11.31 -42.32
C GLU F 197 34.89 10.45 -42.32
N VAL F 198 33.92 10.82 -43.14
CA VAL F 198 32.61 10.21 -43.16
C VAL F 198 32.49 9.37 -44.43
N THR F 199 32.02 8.13 -44.25
CA THR F 199 31.72 7.25 -45.36
C THR F 199 30.23 6.94 -45.29
N HIS F 200 29.52 7.24 -46.38
CA HIS F 200 28.08 7.07 -46.44
C HIS F 200 27.67 6.69 -47.86
N GLN F 201 26.52 6.01 -47.96
CA GLN F 201 26.00 5.57 -49.25
C GLN F 201 25.83 6.73 -50.23
N GLY F 202 25.33 7.86 -49.75
CA GLY F 202 25.04 9.01 -50.57
C GLY F 202 26.23 9.87 -50.96
N LEU F 203 27.44 9.45 -50.64
CA LEU F 203 28.64 10.22 -50.92
C LEU F 203 29.47 9.52 -51.98
N SER F 204 29.76 10.23 -53.08
CA SER F 204 30.73 9.77 -54.06
C SER F 204 32.00 9.29 -53.37
N SER F 205 32.50 10.08 -52.45
CA SER F 205 33.75 9.87 -51.74
C SER F 205 33.53 10.02 -50.24
N PRO F 206 34.25 9.25 -49.44
CA PRO F 206 34.39 9.62 -48.02
C PRO F 206 34.84 11.07 -47.97
N VAL F 207 34.16 11.88 -47.16
CA VAL F 207 34.45 13.31 -47.07
C VAL F 207 35.03 13.62 -45.71
N THR F 208 36.16 14.32 -45.69
CA THR F 208 36.88 14.63 -44.47
C THR F 208 36.68 16.09 -44.10
N LYS F 209 36.30 16.34 -42.86
CA LYS F 209 36.25 17.69 -42.31
C LYS F 209 37.31 17.80 -41.22
N SER F 210 38.14 18.83 -41.31
CA SER F 210 39.32 18.96 -40.46
C SER F 210 39.46 20.40 -39.98
N PHE F 211 40.08 20.54 -38.82
CA PHE F 211 40.44 21.85 -38.29
C PHE F 211 41.79 21.74 -37.61
N ASN F 212 42.53 22.84 -37.56
CA ASN F 212 43.84 22.85 -36.93
C ASN F 212 43.72 23.46 -35.55
N ARG F 213 44.24 22.75 -34.54
CA ARG F 213 44.25 23.26 -33.18
C ARG F 213 45.00 24.59 -33.13
N GLY F 214 44.28 25.66 -32.78
CA GLY F 214 44.93 26.95 -32.77
C GLY F 214 45.14 27.39 -34.19
N GLU F 215 44.21 28.18 -34.72
CA GLU F 215 44.29 28.68 -36.10
C GLU F 215 44.04 27.51 -37.04
#